data_7EAQ
# 
_entry.id   7EAQ 
# 
_audit_conform.dict_name       mmcif_pdbx.dic 
_audit_conform.dict_version    5.392 
_audit_conform.dict_location   http://mmcif.pdb.org/dictionaries/ascii/mmcif_pdbx.dic 
# 
loop_
_database_2.database_id 
_database_2.database_code 
_database_2.pdbx_database_accession 
_database_2.pdbx_DOI 
PDB   7EAQ         pdb_00007eaq 10.2210/pdb7eaq/pdb 
WWPDB D_1300021083 ?            ?                   
# 
loop_
_pdbx_audit_revision_history.ordinal 
_pdbx_audit_revision_history.data_content_type 
_pdbx_audit_revision_history.major_revision 
_pdbx_audit_revision_history.minor_revision 
_pdbx_audit_revision_history.revision_date 
1 'Structure model' 1 0 2022-03-09 
2 'Structure model' 1 1 2024-05-29 
# 
_pdbx_audit_revision_details.ordinal             1 
_pdbx_audit_revision_details.revision_ordinal    1 
_pdbx_audit_revision_details.data_content_type   'Structure model' 
_pdbx_audit_revision_details.provider            repository 
_pdbx_audit_revision_details.type                'Initial release' 
_pdbx_audit_revision_details.description         ? 
_pdbx_audit_revision_details.details             ? 
# 
_pdbx_audit_revision_group.ordinal             1 
_pdbx_audit_revision_group.revision_ordinal    2 
_pdbx_audit_revision_group.data_content_type   'Structure model' 
_pdbx_audit_revision_group.group               'Data collection' 
# 
loop_
_pdbx_audit_revision_category.ordinal 
_pdbx_audit_revision_category.revision_ordinal 
_pdbx_audit_revision_category.data_content_type 
_pdbx_audit_revision_category.category 
1 2 'Structure model' chem_comp_atom 
2 2 'Structure model' chem_comp_bond 
# 
_pdbx_database_status.status_code                     REL 
_pdbx_database_status.status_code_sf                  REL 
_pdbx_database_status.status_code_mr                  ? 
_pdbx_database_status.entry_id                        7EAQ 
_pdbx_database_status.recvd_initial_deposition_date   2021-03-08 
_pdbx_database_status.SG_entry                        N 
_pdbx_database_status.deposit_site                    PDBJ 
_pdbx_database_status.process_site                    PDBJ 
_pdbx_database_status.status_code_cs                  ? 
_pdbx_database_status.status_code_nmr_data            ? 
_pdbx_database_status.methods_development_category    ? 
_pdbx_database_status.pdb_format_compatible           Y 
# 
loop_
_audit_author.name 
_audit_author.pdbx_ordinal 
_audit_author.identifier_ORCID 
'Kondo, J.'    1 0000-0002-5682-3685 
'Igarashi, Y.' 2 ?                   
# 
_citation.abstract                  ? 
_citation.abstract_id_CAS           ? 
_citation.book_id_ISBN              ? 
_citation.book_publisher            ? 
_citation.book_publisher_city       ? 
_citation.book_title                ? 
_citation.coordinate_linkage        ? 
_citation.country                   ? 
_citation.database_id_Medline       ? 
_citation.details                   ? 
_citation.id                        primary 
_citation.journal_abbrev            'To Be Published' 
_citation.journal_id_ASTM           ? 
_citation.journal_id_CSD            0353 
_citation.journal_id_ISSN           ? 
_citation.journal_full              ? 
_citation.journal_issue             ? 
_citation.journal_volume            ? 
_citation.language                  ? 
_citation.page_first                ? 
_citation.page_last                 ? 
_citation.title                     'DNA quadruplex composed of i-motif and Z-DNA' 
_citation.year                      ? 
_citation.database_id_CSD           ? 
_citation.pdbx_database_id_DOI      ? 
_citation.pdbx_database_id_PubMed   ? 
_citation.pdbx_database_id_patent   ? 
_citation.unpublished_flag          ? 
# 
loop_
_citation_author.citation_id 
_citation_author.name 
_citation_author.ordinal 
_citation_author.identifier_ORCID 
primary 'Kondo, J.'    1 0000-0002-5682-3685 
primary 'Igarashi, Y.' 2 ?                   
# 
loop_
_entity.id 
_entity.type 
_entity.src_method 
_entity.pdbx_description 
_entity.formula_weight 
_entity.pdbx_number_of_molecules 
_entity.pdbx_ec 
_entity.pdbx_mutation 
_entity.pdbx_fragment 
_entity.details 
1 polymer syn 
;DNA (5'-D(*CP*GP*CP*GP*AP*CP*CP*TP*CP*GP*CP*G)-3')
;
3624.356 2  ? ? ? ? 
2 water   nat water                                                18.015   15 ? ? ? ? 
# 
_entity_poly.entity_id                      1 
_entity_poly.type                           polydeoxyribonucleotide 
_entity_poly.nstd_linkage                   no 
_entity_poly.nstd_monomer                   no 
_entity_poly.pdbx_seq_one_letter_code       '(DC)(DG)(DC)(DG)(DA)(DC)(DC)(DT)(DC)(DG)(DC)(DG)' 
_entity_poly.pdbx_seq_one_letter_code_can   CGCGACCTCGCG 
_entity_poly.pdbx_strand_id                 A,B 
_entity_poly.pdbx_target_identifier         ? 
# 
_pdbx_entity_nonpoly.entity_id   2 
_pdbx_entity_nonpoly.name        water 
_pdbx_entity_nonpoly.comp_id     HOH 
# 
loop_
_entity_poly_seq.entity_id 
_entity_poly_seq.num 
_entity_poly_seq.mon_id 
_entity_poly_seq.hetero 
1 1  DC n 
1 2  DG n 
1 3  DC n 
1 4  DG n 
1 5  DA n 
1 6  DC n 
1 7  DC n 
1 8  DT n 
1 9  DC n 
1 10 DG n 
1 11 DC n 
1 12 DG n 
# 
_pdbx_entity_src_syn.entity_id              1 
_pdbx_entity_src_syn.pdbx_src_id            1 
_pdbx_entity_src_syn.pdbx_alt_source_flag   sample 
_pdbx_entity_src_syn.pdbx_beg_seq_num       1 
_pdbx_entity_src_syn.pdbx_end_seq_num       12 
_pdbx_entity_src_syn.organism_scientific    'synthetic construct' 
_pdbx_entity_src_syn.organism_common_name   ? 
_pdbx_entity_src_syn.ncbi_taxonomy_id       32630 
_pdbx_entity_src_syn.details                ? 
# 
loop_
_chem_comp.id 
_chem_comp.type 
_chem_comp.mon_nstd_flag 
_chem_comp.name 
_chem_comp.pdbx_synonyms 
_chem_comp.formula 
_chem_comp.formula_weight 
DA  'DNA linking' y "2'-DEOXYADENOSINE-5'-MONOPHOSPHATE" ? 'C10 H14 N5 O6 P' 331.222 
DC  'DNA linking' y "2'-DEOXYCYTIDINE-5'-MONOPHOSPHATE"  ? 'C9 H14 N3 O7 P'  307.197 
DG  'DNA linking' y "2'-DEOXYGUANOSINE-5'-MONOPHOSPHATE" ? 'C10 H14 N5 O7 P' 347.221 
DT  'DNA linking' y "THYMIDINE-5'-MONOPHOSPHATE"         ? 'C10 H15 N2 O8 P' 322.208 
HOH non-polymer   . WATER                                ? 'H2 O'            18.015  
# 
loop_
_pdbx_poly_seq_scheme.asym_id 
_pdbx_poly_seq_scheme.entity_id 
_pdbx_poly_seq_scheme.seq_id 
_pdbx_poly_seq_scheme.mon_id 
_pdbx_poly_seq_scheme.ndb_seq_num 
_pdbx_poly_seq_scheme.pdb_seq_num 
_pdbx_poly_seq_scheme.auth_seq_num 
_pdbx_poly_seq_scheme.pdb_mon_id 
_pdbx_poly_seq_scheme.auth_mon_id 
_pdbx_poly_seq_scheme.pdb_strand_id 
_pdbx_poly_seq_scheme.pdb_ins_code 
_pdbx_poly_seq_scheme.hetero 
A 1 1  DC 1  1  1  DC DC A . n 
A 1 2  DG 2  2  2  DG DG A . n 
A 1 3  DC 3  3  3  DC DC A . n 
A 1 4  DG 4  4  4  DG DG A . n 
A 1 5  DA 5  5  5  DA DA A . n 
A 1 6  DC 6  6  6  DC DC A . n 
A 1 7  DC 7  7  7  DC DC A . n 
A 1 8  DT 8  8  8  DT DT A . n 
A 1 9  DC 9  9  9  DC DC A . n 
A 1 10 DG 10 10 10 DG DG A . n 
A 1 11 DC 11 11 11 DC DC A . n 
A 1 12 DG 12 12 12 DG DG A . n 
B 1 1  DC 1  1  1  DC DC B . n 
B 1 2  DG 2  2  2  DG DG B . n 
B 1 3  DC 3  3  3  DC DC B . n 
B 1 4  DG 4  4  4  DG DG B . n 
B 1 5  DA 5  5  5  DA DA B . n 
B 1 6  DC 6  6  6  DC DC B . n 
B 1 7  DC 7  7  7  DC DC B . n 
B 1 8  DT 8  8  8  DT DT B . n 
B 1 9  DC 9  9  9  DC DC B . n 
B 1 10 DG 10 10 10 DG DG B . n 
B 1 11 DC 11 11 11 DC DC B . n 
B 1 12 DG 12 12 12 DG DG B . n 
# 
loop_
_pdbx_nonpoly_scheme.asym_id 
_pdbx_nonpoly_scheme.entity_id 
_pdbx_nonpoly_scheme.mon_id 
_pdbx_nonpoly_scheme.ndb_seq_num 
_pdbx_nonpoly_scheme.pdb_seq_num 
_pdbx_nonpoly_scheme.auth_seq_num 
_pdbx_nonpoly_scheme.pdb_mon_id 
_pdbx_nonpoly_scheme.auth_mon_id 
_pdbx_nonpoly_scheme.pdb_strand_id 
_pdbx_nonpoly_scheme.pdb_ins_code 
C 2 HOH 1 101 2  HOH HOH A . 
C 2 HOH 2 102 13 HOH HOH A . 
C 2 HOH 3 103 8  HOH HOH A . 
C 2 HOH 4 104 7  HOH HOH A . 
C 2 HOH 5 105 9  HOH HOH A . 
C 2 HOH 6 106 5  HOH HOH A . 
C 2 HOH 7 107 6  HOH HOH A . 
D 2 HOH 1 101 4  HOH HOH B . 
D 2 HOH 2 102 1  HOH HOH B . 
D 2 HOH 3 103 3  HOH HOH B . 
D 2 HOH 4 104 12 HOH HOH B . 
D 2 HOH 5 105 15 HOH HOH B . 
D 2 HOH 6 106 10 HOH HOH B . 
D 2 HOH 7 107 14 HOH HOH B . 
D 2 HOH 8 108 11 HOH HOH B . 
# 
loop_
_software.citation_id 
_software.classification 
_software.compiler_name 
_software.compiler_version 
_software.contact_author 
_software.contact_author_email 
_software.date 
_software.description 
_software.dependencies 
_software.hardware 
_software.language 
_software.location 
_software.mods 
_software.name 
_software.os 
_software.os_version 
_software.type 
_software.version 
_software.pdbx_ordinal 
? 'data scaling'    ? ? ? ? ? ? ? ? ? ? ? XSCALE      ? ? ? .      1 
? refinement        ? ? ? ? ? ? ? ? ? ? ? PHENIX      ? ? ? 1.17.1 2 
? 'data extraction' ? ? ? ? ? ? ? ? ? ? ? PDB_EXTRACT ? ? ? 3.27   3 
? 'data reduction'  ? ? ? ? ? ? ? ? ? ? ? XDS         ? ? ? .      4 
? phasing           ? ? ? ? ? ? ? ? ? ? ? PHASER      ? ? ? .      5 
# 
_cell.angle_alpha                  90.000 
_cell.angle_alpha_esd              ? 
_cell.angle_beta                   90.000 
_cell.angle_beta_esd               ? 
_cell.angle_gamma                  90.000 
_cell.angle_gamma_esd              ? 
_cell.entry_id                     7EAQ 
_cell.details                      ? 
_cell.formula_units_Z              ? 
_cell.length_a                     30.129 
_cell.length_a_esd                 ? 
_cell.length_b                     30.129 
_cell.length_b_esd                 ? 
_cell.length_c                     174.064 
_cell.length_c_esd                 ? 
_cell.volume                       ? 
_cell.volume_esd                   ? 
_cell.Z_PDB                        16 
_cell.reciprocal_angle_alpha       ? 
_cell.reciprocal_angle_beta        ? 
_cell.reciprocal_angle_gamma       ? 
_cell.reciprocal_angle_alpha_esd   ? 
_cell.reciprocal_angle_beta_esd    ? 
_cell.reciprocal_angle_gamma_esd   ? 
_cell.reciprocal_length_a          ? 
_cell.reciprocal_length_b          ? 
_cell.reciprocal_length_c          ? 
_cell.reciprocal_length_a_esd      ? 
_cell.reciprocal_length_b_esd      ? 
_cell.reciprocal_length_c_esd      ? 
_cell.pdbx_unique_axis             ? 
# 
_symmetry.entry_id                         7EAQ 
_symmetry.cell_setting                     ? 
_symmetry.Int_Tables_number                96 
_symmetry.space_group_name_Hall            ? 
_symmetry.space_group_name_H-M             'P 43 21 2' 
_symmetry.pdbx_full_space_group_name_H-M   ? 
# 
_exptl.absorpt_coefficient_mu     ? 
_exptl.absorpt_correction_T_max   ? 
_exptl.absorpt_correction_T_min   ? 
_exptl.absorpt_correction_type    ? 
_exptl.absorpt_process_details    ? 
_exptl.entry_id                   7EAQ 
_exptl.crystals_number            1 
_exptl.details                    ? 
_exptl.method                     'X-RAY DIFFRACTION' 
_exptl.method_details             ? 
# 
_exptl_crystal.colour                      ? 
_exptl_crystal.density_diffrn              ? 
_exptl_crystal.density_Matthews            2.72 
_exptl_crystal.density_method              ? 
_exptl_crystal.density_percent_sol         54.86 
_exptl_crystal.description                 ? 
_exptl_crystal.F_000                       ? 
_exptl_crystal.id                          1 
_exptl_crystal.preparation                 ? 
_exptl_crystal.size_max                    ? 
_exptl_crystal.size_mid                    ? 
_exptl_crystal.size_min                    ? 
_exptl_crystal.size_rad                    ? 
_exptl_crystal.colour_lustre               ? 
_exptl_crystal.colour_modifier             ? 
_exptl_crystal.colour_primary              ? 
_exptl_crystal.density_meas                ? 
_exptl_crystal.density_meas_esd            ? 
_exptl_crystal.density_meas_gt             ? 
_exptl_crystal.density_meas_lt             ? 
_exptl_crystal.density_meas_temp           ? 
_exptl_crystal.density_meas_temp_esd       ? 
_exptl_crystal.density_meas_temp_gt        ? 
_exptl_crystal.density_meas_temp_lt        ? 
_exptl_crystal.pdbx_crystal_image_url      ? 
_exptl_crystal.pdbx_crystal_image_format   ? 
_exptl_crystal.pdbx_mosaicity              ? 
_exptl_crystal.pdbx_mosaicity_esd          ? 
# 
_exptl_crystal_grow.apparatus       ? 
_exptl_crystal_grow.atmosphere      ? 
_exptl_crystal_grow.crystal_id      1 
_exptl_crystal_grow.details         ? 
_exptl_crystal_grow.method          'VAPOR DIFFUSION, HANGING DROP' 
_exptl_crystal_grow.method_ref      ? 
_exptl_crystal_grow.pH              ? 
_exptl_crystal_grow.pressure        ? 
_exptl_crystal_grow.pressure_esd    ? 
_exptl_crystal_grow.seeding         ? 
_exptl_crystal_grow.seeding_ref     ? 
_exptl_crystal_grow.temp            293 
_exptl_crystal_grow.temp_details    ? 
_exptl_crystal_grow.temp_esd        ? 
_exptl_crystal_grow.time            ? 
_exptl_crystal_grow.pdbx_details    'MPD, ammonium chloride, sodium cacodylate, spermine tetrahydrochloride' 
_exptl_crystal_grow.pdbx_pH_range   ? 
# 
_diffrn.ambient_environment              ? 
_diffrn.ambient_temp                     100 
_diffrn.ambient_temp_details             ? 
_diffrn.ambient_temp_esd                 ? 
_diffrn.crystal_id                       1 
_diffrn.crystal_support                  ? 
_diffrn.crystal_treatment                ? 
_diffrn.details                          ? 
_diffrn.id                               1 
_diffrn.ambient_pressure                 ? 
_diffrn.ambient_pressure_esd             ? 
_diffrn.ambient_pressure_gt              ? 
_diffrn.ambient_pressure_lt              ? 
_diffrn.ambient_temp_gt                  ? 
_diffrn.ambient_temp_lt                  ? 
_diffrn.pdbx_serial_crystal_experiment   N 
# 
_diffrn_detector.details                      ? 
_diffrn_detector.detector                     PIXEL 
_diffrn_detector.diffrn_id                    1 
_diffrn_detector.type                         'DECTRIS PILATUS 200K' 
_diffrn_detector.area_resol_mean              ? 
_diffrn_detector.dtime                        ? 
_diffrn_detector.pdbx_frames_total            ? 
_diffrn_detector.pdbx_collection_time_total   ? 
_diffrn_detector.pdbx_collection_date         2016-05-23 
_diffrn_detector.pdbx_frequency               ? 
# 
_diffrn_radiation.collimation                      ? 
_diffrn_radiation.diffrn_id                        1 
_diffrn_radiation.filter_edge                      ? 
_diffrn_radiation.inhomogeneity                    ? 
_diffrn_radiation.monochromator                    ? 
_diffrn_radiation.polarisn_norm                    ? 
_diffrn_radiation.polarisn_ratio                   ? 
_diffrn_radiation.probe                            ? 
_diffrn_radiation.type                             ? 
_diffrn_radiation.xray_symbol                      ? 
_diffrn_radiation.wavelength_id                    1 
_diffrn_radiation.pdbx_monochromatic_or_laue_m_l   M 
_diffrn_radiation.pdbx_wavelength_list             ? 
_diffrn_radiation.pdbx_wavelength                  ? 
_diffrn_radiation.pdbx_diffrn_protocol             'SINGLE WAVELENGTH' 
_diffrn_radiation.pdbx_analyzer                    ? 
_diffrn_radiation.pdbx_scattering_type             x-ray 
# 
_diffrn_radiation_wavelength.id           1 
_diffrn_radiation_wavelength.wavelength   0.98 
_diffrn_radiation_wavelength.wt           1.0 
# 
_diffrn_source.current                     ? 
_diffrn_source.details                     ? 
_diffrn_source.diffrn_id                   1 
_diffrn_source.power                       ? 
_diffrn_source.size                        ? 
_diffrn_source.source                      SYNCHROTRON 
_diffrn_source.target                      ? 
_diffrn_source.type                        'PHOTON FACTORY BEAMLINE BL-17A' 
_diffrn_source.voltage                     ? 
_diffrn_source.take-off_angle              ? 
_diffrn_source.pdbx_wavelength_list        0.98 
_diffrn_source.pdbx_wavelength             ? 
_diffrn_source.pdbx_synchrotron_beamline   BL-17A 
_diffrn_source.pdbx_synchrotron_site       'Photon Factory' 
# 
_reflns.B_iso_Wilson_estimate            60.541 
_reflns.entry_id                         7EAQ 
_reflns.data_reduction_details           ? 
_reflns.data_reduction_method            ? 
_reflns.d_resolution_high                2.390 
_reflns.d_resolution_low                 29.690 
_reflns.details                          ? 
_reflns.limit_h_max                      ? 
_reflns.limit_h_min                      ? 
_reflns.limit_k_max                      ? 
_reflns.limit_k_min                      ? 
_reflns.limit_l_max                      ? 
_reflns.limit_l_min                      ? 
_reflns.number_all                       ? 
_reflns.number_obs                       3619 
_reflns.observed_criterion               ? 
_reflns.observed_criterion_F_max         ? 
_reflns.observed_criterion_F_min         ? 
_reflns.observed_criterion_I_max         ? 
_reflns.observed_criterion_I_min         ? 
_reflns.observed_criterion_sigma_F       ? 
_reflns.observed_criterion_sigma_I       ? 
_reflns.percent_possible_obs             99.500 
_reflns.R_free_details                   ? 
_reflns.Rmerge_F_all                     ? 
_reflns.Rmerge_F_obs                     ? 
_reflns.Friedel_coverage                 ? 
_reflns.number_gt                        ? 
_reflns.threshold_expression             ? 
_reflns.pdbx_redundancy                  10.594 
_reflns.pdbx_Rmerge_I_obs                0.081 
_reflns.pdbx_Rmerge_I_all                ? 
_reflns.pdbx_Rsym_value                  ? 
_reflns.pdbx_netI_over_av_sigmaI         ? 
_reflns.pdbx_netI_over_sigmaI            16.230 
_reflns.pdbx_res_netI_over_av_sigmaI_2   ? 
_reflns.pdbx_res_netI_over_sigmaI_2      ? 
_reflns.pdbx_chi_squared                 0.969 
_reflns.pdbx_scaling_rejects             ? 
_reflns.pdbx_d_res_high_opt              ? 
_reflns.pdbx_d_res_low_opt               ? 
_reflns.pdbx_d_res_opt_method            ? 
_reflns.phase_calculation_details        ? 
_reflns.pdbx_Rrim_I_all                  0.086 
_reflns.pdbx_Rpim_I_all                  ? 
_reflns.pdbx_d_opt                       ? 
_reflns.pdbx_number_measured_all         38340 
_reflns.pdbx_diffrn_id                   1 
_reflns.pdbx_ordinal                     1 
_reflns.pdbx_CC_half                     0.999 
_reflns.pdbx_CC_star                     ? 
_reflns.pdbx_R_split                     ? 
# 
loop_
_reflns_shell.d_res_high 
_reflns_shell.d_res_low 
_reflns_shell.meanI_over_sigI_all 
_reflns_shell.meanI_over_sigI_obs 
_reflns_shell.number_measured_all 
_reflns_shell.number_measured_obs 
_reflns_shell.number_possible 
_reflns_shell.number_unique_all 
_reflns_shell.number_unique_obs 
_reflns_shell.percent_possible_all 
_reflns_shell.percent_possible_obs 
_reflns_shell.Rmerge_F_all 
_reflns_shell.Rmerge_F_obs 
_reflns_shell.Rmerge_I_all 
_reflns_shell.Rmerge_I_obs 
_reflns_shell.meanI_over_sigI_gt 
_reflns_shell.meanI_over_uI_all 
_reflns_shell.meanI_over_uI_gt 
_reflns_shell.number_measured_gt 
_reflns_shell.number_unique_gt 
_reflns_shell.percent_possible_gt 
_reflns_shell.Rmerge_F_gt 
_reflns_shell.Rmerge_I_gt 
_reflns_shell.pdbx_redundancy 
_reflns_shell.pdbx_Rsym_value 
_reflns_shell.pdbx_chi_squared 
_reflns_shell.pdbx_netI_over_sigmaI_all 
_reflns_shell.pdbx_netI_over_sigmaI_obs 
_reflns_shell.pdbx_Rrim_I_all 
_reflns_shell.pdbx_Rpim_I_all 
_reflns_shell.pdbx_rejects 
_reflns_shell.pdbx_ordinal 
_reflns_shell.pdbx_diffrn_id 
_reflns_shell.pdbx_CC_half 
_reflns_shell.pdbx_CC_star 
_reflns_shell.pdbx_R_split 
2.390  2.450  ? 5.000  ? 2225 249 ? 235 94.400  ? ? ? ? 0.299 ? ? ? ? ? ? ? ? 9.468  ? ? ? ? 0.315 ? ? 1  1 0.973 ? ? 
2.450  2.520  ? 5.700  ? 3112 267 ? 267 100.000 ? ? ? ? 0.349 ? ? ? ? ? ? ? ? 11.655 ? ? ? ? 0.366 ? ? 2  1 0.943 ? ? 
2.520  2.590  ? 7.580  ? 2689 224 ? 223 99.600  ? ? ? ? 0.274 ? ? ? ? ? ? ? ? 12.058 ? ? ? ? 0.286 ? ? 3  1 0.967 ? ? 
2.590  2.670  ? 8.110  ? 2853 244 ? 244 100.000 ? ? ? ? 0.261 ? ? ? ? ? ? ? ? 11.693 ? ? ? ? 0.273 ? ? 4  1 0.988 ? ? 
2.670  2.760  ? 10.130 ? 2629 231 ? 231 100.000 ? ? ? ? 0.221 ? ? ? ? ? ? ? ? 11.381 ? ? ? ? 0.232 ? ? 5  1 0.980 ? ? 
2.760  2.860  ? 12.700 ? 2423 214 ? 214 100.000 ? ? ? ? 0.164 ? ? ? ? ? ? ? ? 11.322 ? ? ? ? 0.172 ? ? 6  1 0.997 ? ? 
2.860  2.970  ? 13.780 ? 2480 225 ? 225 100.000 ? ? ? ? 0.146 ? ? ? ? ? ? ? ? 11.022 ? ? ? ? 0.154 ? ? 7  1 0.996 ? ? 
2.970  3.090  ? 15.720 ? 2371 217 ? 217 100.000 ? ? ? ? 0.117 ? ? ? ? ? ? ? ? 10.926 ? ? ? ? 0.123 ? ? 8  1 0.998 ? ? 
3.090  3.220  ? 18.660 ? 2136 196 ? 196 100.000 ? ? ? ? 0.095 ? ? ? ? ? ? ? ? 10.898 ? ? ? ? 0.100 ? ? 9  1 0.999 ? ? 
3.220  3.380  ? 19.640 ? 2022 207 ? 206 99.500  ? ? ? ? 0.084 ? ? ? ? ? ? ? ? 9.816  ? ? ? ? 0.089 ? ? 10 1 0.999 ? ? 
3.380  3.570  ? 22.630 ? 1814 181 ? 181 100.000 ? ? ? ? 0.079 ? ? ? ? ? ? ? ? 10.022 ? ? ? ? 0.083 ? ? 11 1 0.999 ? ? 
3.570  3.780  ? 23.210 ? 1853 186 ? 186 100.000 ? ? ? ? 0.081 ? ? ? ? ? ? ? ? 9.962  ? ? ? ? 0.086 ? ? 12 1 0.999 ? ? 
3.780  4.040  ? 25.200 ? 1684 158 ? 158 100.000 ? ? ? ? 0.085 ? ? ? ? ? ? ? ? 10.658 ? ? ? ? 0.089 ? ? 13 1 0.995 ? ? 
4.040  4.370  ? 24.090 ? 1689 172 ? 172 100.000 ? ? ? ? 0.088 ? ? ? ? ? ? ? ? 9.820  ? ? ? ? 0.094 ? ? 14 1 0.992 ? ? 
4.370  4.780  ? 25.790 ? 1442 142 ? 142 100.000 ? ? ? ? 0.079 ? ? ? ? ? ? ? ? 10.155 ? ? ? ? 0.084 ? ? 15 1 0.996 ? ? 
4.780  5.350  ? 24.770 ? 1357 142 ? 142 100.000 ? ? ? ? 0.087 ? ? ? ? ? ? ? ? 9.556  ? ? ? ? 0.092 ? ? 16 1 0.997 ? ? 
5.350  6.180  ? 25.420 ? 1271 125 ? 125 100.000 ? ? ? ? 0.073 ? ? ? ? ? ? ? ? 10.168 ? ? ? ? 0.077 ? ? 17 1 0.997 ? ? 
6.180  7.560  ? 24.000 ? 1023 113 ? 113 100.000 ? ? ? ? 0.065 ? ? ? ? ? ? ? ? 9.053  ? ? ? ? 0.069 ? ? 18 1 0.995 ? ? 
7.560  10.700 ? 25.470 ? 860  89  ? 89  100.000 ? ? ? ? 0.060 ? ? ? ? ? ? ? ? 9.663  ? ? ? ? 0.063 ? ? 19 1 0.998 ? ? 
10.700 29.690 ? 22.820 ? 407  56  ? 53  94.600  ? ? ? ? 0.038 ? ? ? ? ? ? ? ? 7.679  ? ? ? ? 0.040 ? ? 20 1 1.000 ? ? 
# 
_refine.aniso_B[1][1]                            ? 
_refine.aniso_B[1][2]                            ? 
_refine.aniso_B[1][3]                            ? 
_refine.aniso_B[2][2]                            ? 
_refine.aniso_B[2][3]                            ? 
_refine.aniso_B[3][3]                            ? 
_refine.B_iso_max                                96.210 
_refine.B_iso_mean                               47.9242 
_refine.B_iso_min                                30.010 
_refine.correlation_coeff_Fo_to_Fc               ? 
_refine.correlation_coeff_Fo_to_Fc_free          ? 
_refine.details                                  ? 
_refine.diff_density_max                         ? 
_refine.diff_density_max_esd                     ? 
_refine.diff_density_min                         ? 
_refine.diff_density_min_esd                     ? 
_refine.diff_density_rms                         ? 
_refine.diff_density_rms_esd                     ? 
_refine.entry_id                                 7EAQ 
_refine.pdbx_refine_id                           'X-RAY DIFFRACTION' 
_refine.ls_abs_structure_details                 ? 
_refine.ls_abs_structure_Flack                   ? 
_refine.ls_abs_structure_Flack_esd               ? 
_refine.ls_abs_structure_Rogers                  ? 
_refine.ls_abs_structure_Rogers_esd              ? 
_refine.ls_d_res_high                            2.3900 
_refine.ls_d_res_low                             29.6900 
_refine.ls_extinction_coef                       ? 
_refine.ls_extinction_coef_esd                   ? 
_refine.ls_extinction_expression                 ? 
_refine.ls_extinction_method                     ? 
_refine.ls_goodness_of_fit_all                   ? 
_refine.ls_goodness_of_fit_all_esd               ? 
_refine.ls_goodness_of_fit_obs                   ? 
_refine.ls_goodness_of_fit_obs_esd               ? 
_refine.ls_hydrogen_treatment                    ? 
_refine.ls_matrix_type                           ? 
_refine.ls_number_constraints                    ? 
_refine.ls_number_parameters                     ? 
_refine.ls_number_reflns_all                     ? 
_refine.ls_number_reflns_obs                     3614 
_refine.ls_number_reflns_R_free                  362 
_refine.ls_number_reflns_R_work                  3252 
_refine.ls_number_restraints                     ? 
_refine.ls_percent_reflns_obs                    99.1800 
_refine.ls_percent_reflns_R_free                 10.0200 
_refine.ls_R_factor_all                          ? 
_refine.ls_R_factor_obs                          0.2470 
_refine.ls_R_factor_R_free                       0.2963 
_refine.ls_R_factor_R_free_error                 ? 
_refine.ls_R_factor_R_free_error_details         ? 
_refine.ls_R_factor_R_work                       0.2414 
_refine.ls_R_Fsqd_factor_obs                     ? 
_refine.ls_R_I_factor_obs                        ? 
_refine.ls_redundancy_reflns_all                 ? 
_refine.ls_redundancy_reflns_obs                 ? 
_refine.ls_restrained_S_all                      ? 
_refine.ls_restrained_S_obs                      ? 
_refine.ls_shift_over_esd_max                    ? 
_refine.ls_shift_over_esd_mean                   ? 
_refine.ls_structure_factor_coef                 ? 
_refine.ls_weighting_details                     ? 
_refine.ls_weighting_scheme                      ? 
_refine.ls_wR_factor_all                         ? 
_refine.ls_wR_factor_obs                         ? 
_refine.ls_wR_factor_R_free                      ? 
_refine.ls_wR_factor_R_work                      ? 
_refine.occupancy_max                            ? 
_refine.occupancy_min                            ? 
_refine.solvent_model_details                    'FLAT BULK SOLVENT MODEL' 
_refine.solvent_model_param_bsol                 ? 
_refine.solvent_model_param_ksol                 ? 
_refine.pdbx_R_complete                          ? 
_refine.ls_R_factor_gt                           ? 
_refine.ls_goodness_of_fit_gt                    ? 
_refine.ls_goodness_of_fit_ref                   ? 
_refine.ls_shift_over_su_max                     ? 
_refine.ls_shift_over_su_max_lt                  ? 
_refine.ls_shift_over_su_mean                    ? 
_refine.ls_shift_over_su_mean_lt                 ? 
_refine.pdbx_ls_sigma_I                          ? 
_refine.pdbx_ls_sigma_F                          1.440 
_refine.pdbx_ls_sigma_Fsqd                       ? 
_refine.pdbx_data_cutoff_high_absF               ? 
_refine.pdbx_data_cutoff_high_rms_absF           ? 
_refine.pdbx_data_cutoff_low_absF                ? 
_refine.pdbx_isotropic_thermal_model             ? 
_refine.pdbx_ls_cross_valid_method               THROUGHOUT 
_refine.pdbx_method_to_determine_struct          'MOLECULAR REPLACEMENT' 
_refine.pdbx_starting_model                      ? 
_refine.pdbx_stereochemistry_target_values       ML 
_refine.pdbx_R_Free_selection_details            ? 
_refine.pdbx_stereochem_target_val_spec_case     ? 
_refine.pdbx_overall_ESU_R                       ? 
_refine.pdbx_overall_ESU_R_Free                  ? 
_refine.pdbx_solvent_vdw_probe_radii             1.1100 
_refine.pdbx_solvent_ion_probe_radii             ? 
_refine.pdbx_solvent_shrinkage_radii             0.9000 
_refine.pdbx_real_space_R                        ? 
_refine.pdbx_density_correlation                 ? 
_refine.pdbx_pd_number_of_powder_patterns        ? 
_refine.pdbx_pd_number_of_points                 ? 
_refine.pdbx_pd_meas_number_of_points            ? 
_refine.pdbx_pd_proc_ls_prof_R_factor            ? 
_refine.pdbx_pd_proc_ls_prof_wR_factor           ? 
_refine.pdbx_pd_Marquardt_correlation_coeff      ? 
_refine.pdbx_pd_Fsqrd_R_factor                   ? 
_refine.pdbx_pd_ls_matrix_band_width             ? 
_refine.pdbx_overall_phase_error                 34.1600 
_refine.pdbx_overall_SU_R_free_Cruickshank_DPI   ? 
_refine.pdbx_overall_SU_R_free_Blow_DPI          ? 
_refine.pdbx_overall_SU_R_Blow_DPI               ? 
_refine.pdbx_TLS_residual_ADP_flag               ? 
_refine.pdbx_diffrn_id                           1 
_refine.overall_SU_B                             ? 
_refine.overall_SU_ML                            0.5300 
_refine.overall_SU_R_Cruickshank_DPI             ? 
_refine.overall_SU_R_free                        ? 
_refine.overall_FOM_free_R_set                   ? 
_refine.overall_FOM_work_R_set                   ? 
_refine.pdbx_average_fsc_overall                 ? 
_refine.pdbx_average_fsc_work                    ? 
_refine.pdbx_average_fsc_free                    ? 
# 
_refine_hist.pdbx_refine_id                   'X-RAY DIFFRACTION' 
_refine_hist.cycle_id                         final 
_refine_hist.details                          ? 
_refine_hist.d_res_high                       2.3900 
_refine_hist.d_res_low                        29.6900 
_refine_hist.number_atoms_solvent             15 
_refine_hist.number_atoms_total               495 
_refine_hist.number_reflns_all                ? 
_refine_hist.number_reflns_obs                ? 
_refine_hist.number_reflns_R_free             ? 
_refine_hist.number_reflns_R_work             ? 
_refine_hist.R_factor_all                     ? 
_refine_hist.R_factor_obs                     ? 
_refine_hist.R_factor_R_free                  ? 
_refine_hist.R_factor_R_work                  ? 
_refine_hist.pdbx_number_residues_total       24 
_refine_hist.pdbx_B_iso_mean_ligand           ? 
_refine_hist.pdbx_B_iso_mean_solvent          50.75 
_refine_hist.pdbx_number_atoms_protein        0 
_refine_hist.pdbx_number_atoms_nucleic_acid   480 
_refine_hist.pdbx_number_atoms_ligand         0 
_refine_hist.pdbx_number_atoms_lipid          ? 
_refine_hist.pdbx_number_atoms_carb           ? 
_refine_hist.pdbx_pseudo_atom_details         ? 
# 
loop_
_refine_ls_shell.pdbx_refine_id 
_refine_ls_shell.d_res_high 
_refine_ls_shell.d_res_low 
_refine_ls_shell.number_reflns_all 
_refine_ls_shell.number_reflns_obs 
_refine_ls_shell.number_reflns_R_free 
_refine_ls_shell.number_reflns_R_work 
_refine_ls_shell.percent_reflns_obs 
_refine_ls_shell.percent_reflns_R_free 
_refine_ls_shell.R_factor_all 
_refine_ls_shell.R_factor_obs 
_refine_ls_shell.R_factor_R_free 
_refine_ls_shell.R_factor_R_free_error 
_refine_ls_shell.R_factor_R_work 
_refine_ls_shell.redundancy_reflns_all 
_refine_ls_shell.redundancy_reflns_obs 
_refine_ls_shell.wR_factor_all 
_refine_ls_shell.wR_factor_obs 
_refine_ls_shell.wR_factor_R_free 
_refine_ls_shell.wR_factor_R_work 
_refine_ls_shell.pdbx_R_complete 
_refine_ls_shell.pdbx_total_number_of_bins_used 
_refine_ls_shell.pdbx_phase_error 
_refine_ls_shell.pdbx_fsc_work 
_refine_ls_shell.pdbx_fsc_free 
'X-RAY DIFFRACTION' 2.3900 2.7400  1146 . 115 1031 98.0000  . . . 0.4620 0.0000 0.3775 . . . . . . . 3 . . . 
'X-RAY DIFFRACTION' 2.7400 3.4500  1166 . 116 1050 99.0000  . . . 0.3838 0.0000 0.2964 . . . . . . . 3 . . . 
'X-RAY DIFFRACTION' 3.4500 29.6900 1302 . 131 1171 100.0000 . . . 0.2419 0.0000 0.2002 . . . . . . . 3 . . . 
# 
_struct.entry_id                     7EAQ 
_struct.title                        'DNA quadruplex composed of i-motif and Z-DNA' 
_struct.pdbx_model_details           ? 
_struct.pdbx_formula_weight          ? 
_struct.pdbx_formula_weight_method   ? 
_struct.pdbx_model_type_details      ? 
_struct.pdbx_CASP_flag               N 
# 
_struct_keywords.entry_id        7EAQ 
_struct_keywords.text            'quadruplex, i-motif, DNA' 
_struct_keywords.pdbx_keywords   DNA 
# 
loop_
_struct_asym.id 
_struct_asym.pdbx_blank_PDB_chainid_flag 
_struct_asym.pdbx_modified 
_struct_asym.entity_id 
_struct_asym.details 
A N N 1 ? 
B N N 1 ? 
C N N 2 ? 
D N N 2 ? 
# 
_struct_ref.id                         1 
_struct_ref.db_name                    PDB 
_struct_ref.db_code                    7EAQ 
_struct_ref.pdbx_db_accession          7EAQ 
_struct_ref.pdbx_db_isoform            ? 
_struct_ref.entity_id                  1 
_struct_ref.pdbx_seq_one_letter_code   ? 
_struct_ref.pdbx_align_begin           1 
# 
loop_
_struct_ref_seq.align_id 
_struct_ref_seq.ref_id 
_struct_ref_seq.pdbx_PDB_id_code 
_struct_ref_seq.pdbx_strand_id 
_struct_ref_seq.seq_align_beg 
_struct_ref_seq.pdbx_seq_align_beg_ins_code 
_struct_ref_seq.seq_align_end 
_struct_ref_seq.pdbx_seq_align_end_ins_code 
_struct_ref_seq.pdbx_db_accession 
_struct_ref_seq.db_align_beg 
_struct_ref_seq.pdbx_db_align_beg_ins_code 
_struct_ref_seq.db_align_end 
_struct_ref_seq.pdbx_db_align_end_ins_code 
_struct_ref_seq.pdbx_auth_seq_align_beg 
_struct_ref_seq.pdbx_auth_seq_align_end 
1 1 7EAQ A 1 ? 12 ? 7EAQ 1 ? 12 ? 1 12 
2 1 7EAQ B 1 ? 12 ? 7EAQ 1 ? 12 ? 1 12 
# 
_pdbx_struct_assembly.id                   1 
_pdbx_struct_assembly.details              author_and_software_defined_assembly 
_pdbx_struct_assembly.method_details       PISA 
_pdbx_struct_assembly.oligomeric_details   tetrameric 
_pdbx_struct_assembly.oligomeric_count     4 
# 
loop_
_pdbx_struct_assembly_prop.biol_id 
_pdbx_struct_assembly_prop.type 
_pdbx_struct_assembly_prop.value 
_pdbx_struct_assembly_prop.details 
1 'ABSA (A^2)' 5490 ? 
1 MORE         -17  ? 
1 'SSA (A^2)'  6780 ? 
# 
_pdbx_struct_assembly_gen.assembly_id       1 
_pdbx_struct_assembly_gen.oper_expression   1,2 
_pdbx_struct_assembly_gen.asym_id_list      A,B,C,D 
# 
_pdbx_struct_assembly_auth_evidence.id                     1 
_pdbx_struct_assembly_auth_evidence.assembly_id            1 
_pdbx_struct_assembly_auth_evidence.experimental_support   none 
_pdbx_struct_assembly_auth_evidence.details                ? 
# 
loop_
_pdbx_struct_oper_list.id 
_pdbx_struct_oper_list.type 
_pdbx_struct_oper_list.name 
_pdbx_struct_oper_list.symmetry_operation 
_pdbx_struct_oper_list.matrix[1][1] 
_pdbx_struct_oper_list.matrix[1][2] 
_pdbx_struct_oper_list.matrix[1][3] 
_pdbx_struct_oper_list.vector[1] 
_pdbx_struct_oper_list.matrix[2][1] 
_pdbx_struct_oper_list.matrix[2][2] 
_pdbx_struct_oper_list.matrix[2][3] 
_pdbx_struct_oper_list.vector[2] 
_pdbx_struct_oper_list.matrix[3][1] 
_pdbx_struct_oper_list.matrix[3][2] 
_pdbx_struct_oper_list.matrix[3][3] 
_pdbx_struct_oper_list.vector[3] 
1 'identity operation'         1_555 x,y,z            1.0000000000 0.0000000000 0.0000000000 0.0000000000  0.0000000000 1.0000000000  0.0000000000 0.0000000000  0.0000000000 0.0000000000 1.0000000000  0.0000000000 
2 'crystal symmetry operation' 8_445 -y-1,-x-1,-z+1/2 0.5913820597 0.7548174453 0.2837567332 -0.0070133560 0.7548174453 -0.6419782589 0.1345902646 -0.4095046287 0.2837567332 0.1345902646 -0.9494038008 1.1286504567 
# 
loop_
_struct_conn.id 
_struct_conn.conn_type_id 
_struct_conn.pdbx_leaving_atom_flag 
_struct_conn.pdbx_PDB_id 
_struct_conn.ptnr1_label_asym_id 
_struct_conn.ptnr1_label_comp_id 
_struct_conn.ptnr1_label_seq_id 
_struct_conn.ptnr1_label_atom_id 
_struct_conn.pdbx_ptnr1_label_alt_id 
_struct_conn.pdbx_ptnr1_PDB_ins_code 
_struct_conn.pdbx_ptnr1_standard_comp_id 
_struct_conn.ptnr1_symmetry 
_struct_conn.ptnr2_label_asym_id 
_struct_conn.ptnr2_label_comp_id 
_struct_conn.ptnr2_label_seq_id 
_struct_conn.ptnr2_label_atom_id 
_struct_conn.pdbx_ptnr2_label_alt_id 
_struct_conn.pdbx_ptnr2_PDB_ins_code 
_struct_conn.ptnr1_auth_asym_id 
_struct_conn.ptnr1_auth_comp_id 
_struct_conn.ptnr1_auth_seq_id 
_struct_conn.ptnr2_auth_asym_id 
_struct_conn.ptnr2_auth_comp_id 
_struct_conn.ptnr2_auth_seq_id 
_struct_conn.ptnr2_symmetry 
_struct_conn.pdbx_ptnr3_label_atom_id 
_struct_conn.pdbx_ptnr3_label_seq_id 
_struct_conn.pdbx_ptnr3_label_comp_id 
_struct_conn.pdbx_ptnr3_label_asym_id 
_struct_conn.pdbx_ptnr3_label_alt_id 
_struct_conn.pdbx_ptnr3_PDB_ins_code 
_struct_conn.details 
_struct_conn.pdbx_dist_value 
_struct_conn.pdbx_value_order 
_struct_conn.pdbx_role 
hydrog1  hydrog ? ? A DC 1  N3 ? ? ? 1_555 A DG 12 N1 ? ? A DC 1  A DG 12 8_445 ? ? ? ? ? ? WATSON-CRICK            ? ? ? 
hydrog2  hydrog ? ? A DC 1  N4 ? ? ? 1_555 A DG 12 O6 ? ? A DC 1  A DG 12 8_445 ? ? ? ? ? ? WATSON-CRICK            ? ? ? 
hydrog3  hydrog ? ? A DC 1  O2 ? ? ? 1_555 A DG 12 N2 ? ? A DC 1  A DG 12 8_445 ? ? ? ? ? ? WATSON-CRICK            ? ? ? 
hydrog4  hydrog ? ? A DG 2  N2 ? ? ? 1_555 A DC 11 O2 ? ? A DG 2  A DC 11 8_445 ? ? ? ? ? ? 'DG-DC PAIR'            ? ? ? 
hydrog5  hydrog ? ? A DC 3  N3 ? ? ? 1_555 A DG 10 N1 ? ? A DC 3  A DG 10 8_445 ? ? ? ? ? ? WATSON-CRICK            ? ? ? 
hydrog6  hydrog ? ? A DC 3  N4 ? ? ? 1_555 A DG 10 O6 ? ? A DC 3  A DG 10 8_445 ? ? ? ? ? ? WATSON-CRICK            ? ? ? 
hydrog7  hydrog ? ? A DC 3  O2 ? ? ? 1_555 A DG 10 N2 ? ? A DC 3  A DG 10 8_445 ? ? ? ? ? ? WATSON-CRICK            ? ? ? 
hydrog8  hydrog ? ? A DG 4  N1 ? ? ? 1_555 A DC 9  N3 ? ? A DG 4  A DC 9  8_445 ? ? ? ? ? ? WATSON-CRICK            ? ? ? 
hydrog9  hydrog ? ? A DG 4  N2 ? ? ? 1_555 A DC 9  O2 ? ? A DG 4  A DC 9  8_445 ? ? ? ? ? ? WATSON-CRICK            ? ? ? 
hydrog10 hydrog ? ? A DG 4  O6 ? ? ? 1_555 A DC 9  N4 ? ? A DG 4  A DC 9  8_445 ? ? ? ? ? ? WATSON-CRICK            ? ? ? 
hydrog11 hydrog ? ? A DC 6  N4 ? ? ? 1_555 B DC 6  O2 ? ? A DC 6  B DC 6  1_555 ? ? ? ? ? ? TYPE_15_PAIR            ? ? ? 
hydrog12 hydrog ? ? A DC 6  O2 ? ? ? 1_555 B DC 6  N4 ? ? A DC 6  B DC 6  1_555 ? ? ? ? ? ? TYPE_15_PAIR            ? ? ? 
hydrog13 hydrog ? ? A DC 7  N4 ? ? ? 1_555 B DC 7  O2 ? ? A DC 7  B DC 7  1_555 ? ? ? ? ? ? TYPE_15_PAIR            ? ? ? 
hydrog14 hydrog ? ? A DC 7  O2 ? ? ? 1_555 B DC 7  N4 ? ? A DC 7  B DC 7  1_555 ? ? ? ? ? ? TYPE_15_PAIR            ? ? ? 
hydrog15 hydrog ? ? A DC 9  N3 ? ? ? 1_555 A DG 4  N1 ? ? A DC 9  A DG 4  8_445 ? ? ? ? ? ? WATSON-CRICK            ? ? ? 
hydrog16 hydrog ? ? A DC 9  N4 ? ? ? 1_555 A DG 4  O6 ? ? A DC 9  A DG 4  8_445 ? ? ? ? ? ? WATSON-CRICK            ? ? ? 
hydrog17 hydrog ? ? A DC 9  O2 ? ? ? 1_555 A DG 4  N2 ? ? A DC 9  A DG 4  8_445 ? ? ? ? ? ? WATSON-CRICK            ? ? ? 
hydrog18 hydrog ? ? A DG 10 N1 ? ? ? 1_555 A DC 3  N3 ? ? A DG 10 A DC 3  8_445 ? ? ? ? ? ? WATSON-CRICK            ? ? ? 
hydrog19 hydrog ? ? A DG 10 N2 ? ? ? 1_555 A DC 3  O2 ? ? A DG 10 A DC 3  8_445 ? ? ? ? ? ? WATSON-CRICK            ? ? ? 
hydrog20 hydrog ? ? A DG 10 O6 ? ? ? 1_555 A DC 3  N4 ? ? A DG 10 A DC 3  8_445 ? ? ? ? ? ? WATSON-CRICK            ? ? ? 
hydrog21 hydrog ? ? A DC 11 O2 ? ? ? 1_555 A DG 2  N2 ? ? A DC 11 A DG 2  8_445 ? ? ? ? ? ? 'DC-DG PAIR'            ? ? ? 
hydrog22 hydrog ? ? A DG 12 N1 ? ? ? 1_555 A DC 1  N3 ? ? A DG 12 A DC 1  8_445 ? ? ? ? ? ? WATSON-CRICK            ? ? ? 
hydrog23 hydrog ? ? A DG 12 N2 ? ? ? 1_555 A DC 1  O2 ? ? A DG 12 A DC 1  8_445 ? ? ? ? ? ? WATSON-CRICK            ? ? ? 
hydrog24 hydrog ? ? A DG 12 O6 ? ? ? 1_555 A DC 1  N4 ? ? A DG 12 A DC 1  8_445 ? ? ? ? ? ? WATSON-CRICK            ? ? ? 
hydrog25 hydrog ? ? B DC 1  N3 ? ? ? 1_555 B DG 12 N1 ? ? B DC 1  B DG 12 8_445 ? ? ? ? ? ? WATSON-CRICK            ? ? ? 
hydrog26 hydrog ? ? B DC 1  N4 ? ? ? 1_555 B DG 12 O6 ? ? B DC 1  B DG 12 8_445 ? ? ? ? ? ? WATSON-CRICK            ? ? ? 
hydrog27 hydrog ? ? B DC 1  O2 ? ? ? 1_555 B DG 12 N2 ? ? B DC 1  B DG 12 8_445 ? ? ? ? ? ? WATSON-CRICK            ? ? ? 
hydrog28 hydrog ? ? B DG 2  N1 ? ? ? 1_555 B DC 11 N3 ? ? B DG 2  B DC 11 8_445 ? ? ? ? ? ? WATSON-CRICK            ? ? ? 
hydrog29 hydrog ? ? B DG 2  N2 ? ? ? 1_555 B DC 11 O2 ? ? B DG 2  B DC 11 8_445 ? ? ? ? ? ? WATSON-CRICK            ? ? ? 
hydrog30 hydrog ? ? B DG 2  O6 ? ? ? 1_555 B DC 11 N4 ? ? B DG 2  B DC 11 8_445 ? ? ? ? ? ? WATSON-CRICK            ? ? ? 
hydrog31 hydrog ? ? B DC 3  N3 ? ? ? 1_555 B DG 10 N1 ? ? B DC 3  B DG 10 8_445 ? ? ? ? ? ? WATSON-CRICK            ? ? ? 
hydrog32 hydrog ? ? B DC 3  N4 ? ? ? 1_555 B DG 10 O6 ? ? B DC 3  B DG 10 8_445 ? ? ? ? ? ? WATSON-CRICK            ? ? ? 
hydrog33 hydrog ? ? B DC 3  O2 ? ? ? 1_555 B DG 10 N2 ? ? B DC 3  B DG 10 8_445 ? ? ? ? ? ? WATSON-CRICK            ? ? ? 
hydrog34 hydrog ? ? B DG 4  N1 ? ? ? 1_555 B DC 9  N3 ? ? B DG 4  B DC 9  8_445 ? ? ? ? ? ? WATSON-CRICK            ? ? ? 
hydrog35 hydrog ? ? B DG 4  N2 ? ? ? 1_555 B DC 9  O2 ? ? B DG 4  B DC 9  8_445 ? ? ? ? ? ? WATSON-CRICK            ? ? ? 
hydrog36 hydrog ? ? B DG 4  O6 ? ? ? 1_555 B DC 9  N4 ? ? B DG 4  B DC 9  8_445 ? ? ? ? ? ? WATSON-CRICK            ? ? ? 
hydrog37 hydrog ? ? B DA 5  N1 ? ? ? 1_555 B DT 8  N3 ? ? B DA 5  B DT 8  8_445 ? ? ? ? ? ? 'REVERSED WATSON-CRICK' ? ? ? 
hydrog38 hydrog ? ? B DA 5  N6 ? ? ? 1_555 B DT 8  O2 ? ? B DA 5  B DT 8  8_445 ? ? ? ? ? ? 'REVERSED WATSON-CRICK' ? ? ? 
hydrog39 hydrog ? ? B DT 8  N3 ? ? ? 1_555 B DA 5  N1 ? ? B DT 8  B DA 5  8_445 ? ? ? ? ? ? 'REVERSED WATSON-CRICK' ? ? ? 
hydrog40 hydrog ? ? B DT 8  O2 ? ? ? 1_555 B DA 5  N6 ? ? B DT 8  B DA 5  8_445 ? ? ? ? ? ? 'REVERSED WATSON-CRICK' ? ? ? 
hydrog41 hydrog ? ? B DC 9  N3 ? ? ? 1_555 B DG 4  N1 ? ? B DC 9  B DG 4  8_445 ? ? ? ? ? ? WATSON-CRICK            ? ? ? 
hydrog42 hydrog ? ? B DC 9  N4 ? ? ? 1_555 B DG 4  O6 ? ? B DC 9  B DG 4  8_445 ? ? ? ? ? ? WATSON-CRICK            ? ? ? 
hydrog43 hydrog ? ? B DC 9  O2 ? ? ? 1_555 B DG 4  N2 ? ? B DC 9  B DG 4  8_445 ? ? ? ? ? ? WATSON-CRICK            ? ? ? 
hydrog44 hydrog ? ? B DG 10 N1 ? ? ? 1_555 B DC 3  N3 ? ? B DG 10 B DC 3  8_445 ? ? ? ? ? ? WATSON-CRICK            ? ? ? 
hydrog45 hydrog ? ? B DG 10 N2 ? ? ? 1_555 B DC 3  O2 ? ? B DG 10 B DC 3  8_445 ? ? ? ? ? ? WATSON-CRICK            ? ? ? 
hydrog46 hydrog ? ? B DG 10 O6 ? ? ? 1_555 B DC 3  N4 ? ? B DG 10 B DC 3  8_445 ? ? ? ? ? ? WATSON-CRICK            ? ? ? 
hydrog47 hydrog ? ? B DC 11 N3 ? ? ? 1_555 B DG 2  N1 ? ? B DC 11 B DG 2  8_445 ? ? ? ? ? ? WATSON-CRICK            ? ? ? 
hydrog48 hydrog ? ? B DC 11 N4 ? ? ? 1_555 B DG 2  O6 ? ? B DC 11 B DG 2  8_445 ? ? ? ? ? ? WATSON-CRICK            ? ? ? 
hydrog49 hydrog ? ? B DC 11 O2 ? ? ? 1_555 B DG 2  N2 ? ? B DC 11 B DG 2  8_445 ? ? ? ? ? ? WATSON-CRICK            ? ? ? 
hydrog50 hydrog ? ? B DG 12 N1 ? ? ? 1_555 B DC 1  N3 ? ? B DG 12 B DC 1  8_445 ? ? ? ? ? ? WATSON-CRICK            ? ? ? 
hydrog51 hydrog ? ? B DG 12 N2 ? ? ? 1_555 B DC 1  O2 ? ? B DG 12 B DC 1  8_445 ? ? ? ? ? ? WATSON-CRICK            ? ? ? 
hydrog52 hydrog ? ? B DG 12 O6 ? ? ? 1_555 B DC 1  N4 ? ? B DG 12 B DC 1  8_445 ? ? ? ? ? ? WATSON-CRICK            ? ? ? 
# 
_struct_conn_type.id          hydrog 
_struct_conn_type.criteria    ? 
_struct_conn_type.reference   ? 
# 
loop_
_pdbx_validate_rmsd_angle.id 
_pdbx_validate_rmsd_angle.PDB_model_num 
_pdbx_validate_rmsd_angle.auth_atom_id_1 
_pdbx_validate_rmsd_angle.auth_asym_id_1 
_pdbx_validate_rmsd_angle.auth_comp_id_1 
_pdbx_validate_rmsd_angle.auth_seq_id_1 
_pdbx_validate_rmsd_angle.PDB_ins_code_1 
_pdbx_validate_rmsd_angle.label_alt_id_1 
_pdbx_validate_rmsd_angle.auth_atom_id_2 
_pdbx_validate_rmsd_angle.auth_asym_id_2 
_pdbx_validate_rmsd_angle.auth_comp_id_2 
_pdbx_validate_rmsd_angle.auth_seq_id_2 
_pdbx_validate_rmsd_angle.PDB_ins_code_2 
_pdbx_validate_rmsd_angle.label_alt_id_2 
_pdbx_validate_rmsd_angle.auth_atom_id_3 
_pdbx_validate_rmsd_angle.auth_asym_id_3 
_pdbx_validate_rmsd_angle.auth_comp_id_3 
_pdbx_validate_rmsd_angle.auth_seq_id_3 
_pdbx_validate_rmsd_angle.PDB_ins_code_3 
_pdbx_validate_rmsd_angle.label_alt_id_3 
_pdbx_validate_rmsd_angle.angle_value 
_pdbx_validate_rmsd_angle.angle_target_value 
_pdbx_validate_rmsd_angle.angle_deviation 
_pdbx_validate_rmsd_angle.angle_standard_deviation 
_pdbx_validate_rmsd_angle.linker_flag 
1 1 "O4'" A DG 12 ? ? "C1'" A DG 12 ? ? N9 A DG 12 ? ? 110.84 108.30 2.54 0.30 N 
2 1 "O4'" B DC 6  ? ? "C1'" B DC 6  ? ? N1 B DC 6  ? ? 110.29 108.30 1.99 0.30 N 
# 
loop_
_chem_comp_atom.comp_id 
_chem_comp_atom.atom_id 
_chem_comp_atom.type_symbol 
_chem_comp_atom.pdbx_aromatic_flag 
_chem_comp_atom.pdbx_stereo_config 
_chem_comp_atom.pdbx_ordinal 
DA  OP3    O N N 1   
DA  P      P N N 2   
DA  OP1    O N N 3   
DA  OP2    O N N 4   
DA  "O5'"  O N N 5   
DA  "C5'"  C N N 6   
DA  "C4'"  C N R 7   
DA  "O4'"  O N N 8   
DA  "C3'"  C N S 9   
DA  "O3'"  O N N 10  
DA  "C2'"  C N N 11  
DA  "C1'"  C N R 12  
DA  N9     N Y N 13  
DA  C8     C Y N 14  
DA  N7     N Y N 15  
DA  C5     C Y N 16  
DA  C6     C Y N 17  
DA  N6     N N N 18  
DA  N1     N Y N 19  
DA  C2     C Y N 20  
DA  N3     N Y N 21  
DA  C4     C Y N 22  
DA  HOP3   H N N 23  
DA  HOP2   H N N 24  
DA  "H5'"  H N N 25  
DA  "H5''" H N N 26  
DA  "H4'"  H N N 27  
DA  "H3'"  H N N 28  
DA  "HO3'" H N N 29  
DA  "H2'"  H N N 30  
DA  "H2''" H N N 31  
DA  "H1'"  H N N 32  
DA  H8     H N N 33  
DA  H61    H N N 34  
DA  H62    H N N 35  
DA  H2     H N N 36  
DC  OP3    O N N 37  
DC  P      P N N 38  
DC  OP1    O N N 39  
DC  OP2    O N N 40  
DC  "O5'"  O N N 41  
DC  "C5'"  C N N 42  
DC  "C4'"  C N R 43  
DC  "O4'"  O N N 44  
DC  "C3'"  C N S 45  
DC  "O3'"  O N N 46  
DC  "C2'"  C N N 47  
DC  "C1'"  C N R 48  
DC  N1     N N N 49  
DC  C2     C N N 50  
DC  O2     O N N 51  
DC  N3     N N N 52  
DC  C4     C N N 53  
DC  N4     N N N 54  
DC  C5     C N N 55  
DC  C6     C N N 56  
DC  HOP3   H N N 57  
DC  HOP2   H N N 58  
DC  "H5'"  H N N 59  
DC  "H5''" H N N 60  
DC  "H4'"  H N N 61  
DC  "H3'"  H N N 62  
DC  "HO3'" H N N 63  
DC  "H2'"  H N N 64  
DC  "H2''" H N N 65  
DC  "H1'"  H N N 66  
DC  H41    H N N 67  
DC  H42    H N N 68  
DC  H5     H N N 69  
DC  H6     H N N 70  
DG  OP3    O N N 71  
DG  P      P N N 72  
DG  OP1    O N N 73  
DG  OP2    O N N 74  
DG  "O5'"  O N N 75  
DG  "C5'"  C N N 76  
DG  "C4'"  C N R 77  
DG  "O4'"  O N N 78  
DG  "C3'"  C N S 79  
DG  "O3'"  O N N 80  
DG  "C2'"  C N N 81  
DG  "C1'"  C N R 82  
DG  N9     N Y N 83  
DG  C8     C Y N 84  
DG  N7     N Y N 85  
DG  C5     C Y N 86  
DG  C6     C N N 87  
DG  O6     O N N 88  
DG  N1     N N N 89  
DG  C2     C N N 90  
DG  N2     N N N 91  
DG  N3     N N N 92  
DG  C4     C Y N 93  
DG  HOP3   H N N 94  
DG  HOP2   H N N 95  
DG  "H5'"  H N N 96  
DG  "H5''" H N N 97  
DG  "H4'"  H N N 98  
DG  "H3'"  H N N 99  
DG  "HO3'" H N N 100 
DG  "H2'"  H N N 101 
DG  "H2''" H N N 102 
DG  "H1'"  H N N 103 
DG  H8     H N N 104 
DG  H1     H N N 105 
DG  H21    H N N 106 
DG  H22    H N N 107 
DT  OP3    O N N 108 
DT  P      P N N 109 
DT  OP1    O N N 110 
DT  OP2    O N N 111 
DT  "O5'"  O N N 112 
DT  "C5'"  C N N 113 
DT  "C4'"  C N R 114 
DT  "O4'"  O N N 115 
DT  "C3'"  C N S 116 
DT  "O3'"  O N N 117 
DT  "C2'"  C N N 118 
DT  "C1'"  C N R 119 
DT  N1     N N N 120 
DT  C2     C N N 121 
DT  O2     O N N 122 
DT  N3     N N N 123 
DT  C4     C N N 124 
DT  O4     O N N 125 
DT  C5     C N N 126 
DT  C7     C N N 127 
DT  C6     C N N 128 
DT  HOP3   H N N 129 
DT  HOP2   H N N 130 
DT  "H5'"  H N N 131 
DT  "H5''" H N N 132 
DT  "H4'"  H N N 133 
DT  "H3'"  H N N 134 
DT  "HO3'" H N N 135 
DT  "H2'"  H N N 136 
DT  "H2''" H N N 137 
DT  "H1'"  H N N 138 
DT  H3     H N N 139 
DT  H71    H N N 140 
DT  H72    H N N 141 
DT  H73    H N N 142 
DT  H6     H N N 143 
HOH O      O N N 144 
HOH H1     H N N 145 
HOH H2     H N N 146 
# 
loop_
_chem_comp_bond.comp_id 
_chem_comp_bond.atom_id_1 
_chem_comp_bond.atom_id_2 
_chem_comp_bond.value_order 
_chem_comp_bond.pdbx_aromatic_flag 
_chem_comp_bond.pdbx_stereo_config 
_chem_comp_bond.pdbx_ordinal 
DA  OP3   P      sing N N 1   
DA  OP3   HOP3   sing N N 2   
DA  P     OP1    doub N N 3   
DA  P     OP2    sing N N 4   
DA  P     "O5'"  sing N N 5   
DA  OP2   HOP2   sing N N 6   
DA  "O5'" "C5'"  sing N N 7   
DA  "C5'" "C4'"  sing N N 8   
DA  "C5'" "H5'"  sing N N 9   
DA  "C5'" "H5''" sing N N 10  
DA  "C4'" "O4'"  sing N N 11  
DA  "C4'" "C3'"  sing N N 12  
DA  "C4'" "H4'"  sing N N 13  
DA  "O4'" "C1'"  sing N N 14  
DA  "C3'" "O3'"  sing N N 15  
DA  "C3'" "C2'"  sing N N 16  
DA  "C3'" "H3'"  sing N N 17  
DA  "O3'" "HO3'" sing N N 18  
DA  "C2'" "C1'"  sing N N 19  
DA  "C2'" "H2'"  sing N N 20  
DA  "C2'" "H2''" sing N N 21  
DA  "C1'" N9     sing N N 22  
DA  "C1'" "H1'"  sing N N 23  
DA  N9    C8     sing Y N 24  
DA  N9    C4     sing Y N 25  
DA  C8    N7     doub Y N 26  
DA  C8    H8     sing N N 27  
DA  N7    C5     sing Y N 28  
DA  C5    C6     sing Y N 29  
DA  C5    C4     doub Y N 30  
DA  C6    N6     sing N N 31  
DA  C6    N1     doub Y N 32  
DA  N6    H61    sing N N 33  
DA  N6    H62    sing N N 34  
DA  N1    C2     sing Y N 35  
DA  C2    N3     doub Y N 36  
DA  C2    H2     sing N N 37  
DA  N3    C4     sing Y N 38  
DC  OP3   P      sing N N 39  
DC  OP3   HOP3   sing N N 40  
DC  P     OP1    doub N N 41  
DC  P     OP2    sing N N 42  
DC  P     "O5'"  sing N N 43  
DC  OP2   HOP2   sing N N 44  
DC  "O5'" "C5'"  sing N N 45  
DC  "C5'" "C4'"  sing N N 46  
DC  "C5'" "H5'"  sing N N 47  
DC  "C5'" "H5''" sing N N 48  
DC  "C4'" "O4'"  sing N N 49  
DC  "C4'" "C3'"  sing N N 50  
DC  "C4'" "H4'"  sing N N 51  
DC  "O4'" "C1'"  sing N N 52  
DC  "C3'" "O3'"  sing N N 53  
DC  "C3'" "C2'"  sing N N 54  
DC  "C3'" "H3'"  sing N N 55  
DC  "O3'" "HO3'" sing N N 56  
DC  "C2'" "C1'"  sing N N 57  
DC  "C2'" "H2'"  sing N N 58  
DC  "C2'" "H2''" sing N N 59  
DC  "C1'" N1     sing N N 60  
DC  "C1'" "H1'"  sing N N 61  
DC  N1    C2     sing N N 62  
DC  N1    C6     sing N N 63  
DC  C2    O2     doub N N 64  
DC  C2    N3     sing N N 65  
DC  N3    C4     doub N N 66  
DC  C4    N4     sing N N 67  
DC  C4    C5     sing N N 68  
DC  N4    H41    sing N N 69  
DC  N4    H42    sing N N 70  
DC  C5    C6     doub N N 71  
DC  C5    H5     sing N N 72  
DC  C6    H6     sing N N 73  
DG  OP3   P      sing N N 74  
DG  OP3   HOP3   sing N N 75  
DG  P     OP1    doub N N 76  
DG  P     OP2    sing N N 77  
DG  P     "O5'"  sing N N 78  
DG  OP2   HOP2   sing N N 79  
DG  "O5'" "C5'"  sing N N 80  
DG  "C5'" "C4'"  sing N N 81  
DG  "C5'" "H5'"  sing N N 82  
DG  "C5'" "H5''" sing N N 83  
DG  "C4'" "O4'"  sing N N 84  
DG  "C4'" "C3'"  sing N N 85  
DG  "C4'" "H4'"  sing N N 86  
DG  "O4'" "C1'"  sing N N 87  
DG  "C3'" "O3'"  sing N N 88  
DG  "C3'" "C2'"  sing N N 89  
DG  "C3'" "H3'"  sing N N 90  
DG  "O3'" "HO3'" sing N N 91  
DG  "C2'" "C1'"  sing N N 92  
DG  "C2'" "H2'"  sing N N 93  
DG  "C2'" "H2''" sing N N 94  
DG  "C1'" N9     sing N N 95  
DG  "C1'" "H1'"  sing N N 96  
DG  N9    C8     sing Y N 97  
DG  N9    C4     sing Y N 98  
DG  C8    N7     doub Y N 99  
DG  C8    H8     sing N N 100 
DG  N7    C5     sing Y N 101 
DG  C5    C6     sing N N 102 
DG  C5    C4     doub Y N 103 
DG  C6    O6     doub N N 104 
DG  C6    N1     sing N N 105 
DG  N1    C2     sing N N 106 
DG  N1    H1     sing N N 107 
DG  C2    N2     sing N N 108 
DG  C2    N3     doub N N 109 
DG  N2    H21    sing N N 110 
DG  N2    H22    sing N N 111 
DG  N3    C4     sing N N 112 
DT  OP3   P      sing N N 113 
DT  OP3   HOP3   sing N N 114 
DT  P     OP1    doub N N 115 
DT  P     OP2    sing N N 116 
DT  P     "O5'"  sing N N 117 
DT  OP2   HOP2   sing N N 118 
DT  "O5'" "C5'"  sing N N 119 
DT  "C5'" "C4'"  sing N N 120 
DT  "C5'" "H5'"  sing N N 121 
DT  "C5'" "H5''" sing N N 122 
DT  "C4'" "O4'"  sing N N 123 
DT  "C4'" "C3'"  sing N N 124 
DT  "C4'" "H4'"  sing N N 125 
DT  "O4'" "C1'"  sing N N 126 
DT  "C3'" "O3'"  sing N N 127 
DT  "C3'" "C2'"  sing N N 128 
DT  "C3'" "H3'"  sing N N 129 
DT  "O3'" "HO3'" sing N N 130 
DT  "C2'" "C1'"  sing N N 131 
DT  "C2'" "H2'"  sing N N 132 
DT  "C2'" "H2''" sing N N 133 
DT  "C1'" N1     sing N N 134 
DT  "C1'" "H1'"  sing N N 135 
DT  N1    C2     sing N N 136 
DT  N1    C6     sing N N 137 
DT  C2    O2     doub N N 138 
DT  C2    N3     sing N N 139 
DT  N3    C4     sing N N 140 
DT  N3    H3     sing N N 141 
DT  C4    O4     doub N N 142 
DT  C4    C5     sing N N 143 
DT  C5    C7     sing N N 144 
DT  C5    C6     doub N N 145 
DT  C7    H71    sing N N 146 
DT  C7    H72    sing N N 147 
DT  C7    H73    sing N N 148 
DT  C6    H6     sing N N 149 
HOH O     H1     sing N N 150 
HOH O     H2     sing N N 151 
# 
loop_
_ndb_struct_conf_na.entry_id 
_ndb_struct_conf_na.feature 
7EAQ 'double helix'        
7EAQ 'z-form double helix' 
7EAQ 'internal loop'       
# 
loop_
_ndb_struct_na_base_pair.model_number 
_ndb_struct_na_base_pair.i_label_asym_id 
_ndb_struct_na_base_pair.i_label_comp_id 
_ndb_struct_na_base_pair.i_label_seq_id 
_ndb_struct_na_base_pair.i_symmetry 
_ndb_struct_na_base_pair.j_label_asym_id 
_ndb_struct_na_base_pair.j_label_comp_id 
_ndb_struct_na_base_pair.j_label_seq_id 
_ndb_struct_na_base_pair.j_symmetry 
_ndb_struct_na_base_pair.shear 
_ndb_struct_na_base_pair.stretch 
_ndb_struct_na_base_pair.stagger 
_ndb_struct_na_base_pair.buckle 
_ndb_struct_na_base_pair.propeller 
_ndb_struct_na_base_pair.opening 
_ndb_struct_na_base_pair.pair_number 
_ndb_struct_na_base_pair.pair_name 
_ndb_struct_na_base_pair.i_auth_asym_id 
_ndb_struct_na_base_pair.i_auth_seq_id 
_ndb_struct_na_base_pair.i_PDB_ins_code 
_ndb_struct_na_base_pair.j_auth_asym_id 
_ndb_struct_na_base_pair.j_auth_seq_id 
_ndb_struct_na_base_pair.j_PDB_ins_code 
_ndb_struct_na_base_pair.hbond_type_28 
_ndb_struct_na_base_pair.hbond_type_12 
1 A DC 6 1_555 B DC 6  1_555 -1.833 -1.154 0.168  8.435  -9.191 -174.807 1  A_DC6:DC6_B  A 6 ? B 6  ? 15 2 
1 A DC 7 1_555 B DC 7  1_555 2.050  1.744  0.161  -0.173 3.046  174.851  2  A_DC7:DC7_B  A 7 ? B 7  ? 15 2 
1 A DC 1 1_555 A DG 12 8_445 0.576  0.223  0.147  10.483 -4.864 -12.973  3  A_DC1:DG12_A A 1 ? A 12 ? 19 1 
1 A DG 2 1_555 A DC 11 8_445 1.145  0.331  0.233  0.379  -7.185 -17.472  4  A_DG2:DC11_A A 2 ? A 11 ? ?  1 
1 A DC 3 1_555 A DG 10 8_445 -0.639 -0.528 0.166  12.428 -8.568 2.778    5  A_DC3:DG10_A A 3 ? A 10 ? 19 1 
1 A DG 4 1_555 A DC 9  8_445 0.424  0.103  0.575  -1.182 -7.826 -8.690   6  A_DG4:DC9_A  A 4 ? A 9  ? 19 1 
1 A DC 1 8_445 A DG 12 1_555 0.576  0.223  0.147  10.483 -4.864 -12.973  7  A_DC1:DG12_A A 1 ? A 12 ? 19 1 
1 A DG 2 8_445 A DC 11 1_555 1.145  0.331  0.233  0.379  -7.185 -17.472  8  A_DG2:DC11_A A 2 ? A 11 ? ?  1 
1 A DC 3 8_445 A DG 10 1_555 -0.639 -0.528 0.166  12.428 -8.568 2.778    9  A_DC3:DG10_A A 3 ? A 10 ? 19 1 
1 A DG 4 8_445 A DC 9  1_555 0.424  0.103  0.575  -1.182 -7.826 -8.690   10 A_DG4:DC9_A  A 4 ? A 9  ? 19 1 
1 B DC 1 1_555 B DG 12 8_445 0.599  0.263  -0.196 -5.578 -1.753 13.193   11 B_DC1:DG12_B B 1 ? B 12 ? 19 1 
1 B DG 2 1_555 B DC 11 8_445 -0.724 -0.260 0.192  7.399  -2.395 5.213    12 B_DG2:DC11_B B 2 ? B 11 ? 19 1 
1 B DC 3 1_555 B DG 10 8_445 0.905  -0.304 0.080  -8.898 -9.083 -3.801   13 B_DC3:DG10_B B 3 ? B 10 ? 19 1 
1 B DG 4 1_555 B DC 9  8_445 -0.190 -0.487 -0.406 5.049  -1.127 -4.120   14 B_DG4:DC9_B  B 4 ? B 9  ? 19 1 
1 B DA 5 1_555 B DT 8  8_445 0.317  0.529  0.113  -8.565 -1.744 168.660  15 B_DA5:DT8_B  B 5 ? B 8  ? 21 2 
1 B DC 1 8_445 B DG 12 1_555 0.599  0.263  -0.196 -5.578 -1.753 13.193   16 B_DC1:DG12_B B 1 ? B 12 ? 19 1 
1 B DG 2 8_445 B DC 11 1_555 -0.724 -0.260 0.192  7.399  -2.395 5.213    17 B_DG2:DC11_B B 2 ? B 11 ? 19 1 
1 B DC 3 8_445 B DG 10 1_555 0.905  -0.304 0.080  -8.898 -9.083 -3.801   18 B_DC3:DG10_B B 3 ? B 10 ? 19 1 
1 B DG 4 8_445 B DC 9  1_555 -0.190 -0.487 -0.406 5.049  -1.127 -4.120   19 B_DG4:DC9_B  B 4 ? B 9  ? 19 1 
1 B DA 5 8_445 B DT 8  1_555 0.317  0.529  0.113  -8.565 -1.744 168.660  20 B_DA5:DT8_B  B 5 ? B 8  ? 21 2 
# 
loop_
_ndb_struct_na_base_pair_step.model_number 
_ndb_struct_na_base_pair_step.i_label_asym_id_1 
_ndb_struct_na_base_pair_step.i_label_comp_id_1 
_ndb_struct_na_base_pair_step.i_label_seq_id_1 
_ndb_struct_na_base_pair_step.i_symmetry_1 
_ndb_struct_na_base_pair_step.j_label_asym_id_1 
_ndb_struct_na_base_pair_step.j_label_comp_id_1 
_ndb_struct_na_base_pair_step.j_label_seq_id_1 
_ndb_struct_na_base_pair_step.j_symmetry_1 
_ndb_struct_na_base_pair_step.i_label_asym_id_2 
_ndb_struct_na_base_pair_step.i_label_comp_id_2 
_ndb_struct_na_base_pair_step.i_label_seq_id_2 
_ndb_struct_na_base_pair_step.i_symmetry_2 
_ndb_struct_na_base_pair_step.j_label_asym_id_2 
_ndb_struct_na_base_pair_step.j_label_comp_id_2 
_ndb_struct_na_base_pair_step.j_label_seq_id_2 
_ndb_struct_na_base_pair_step.j_symmetry_2 
_ndb_struct_na_base_pair_step.shift 
_ndb_struct_na_base_pair_step.slide 
_ndb_struct_na_base_pair_step.rise 
_ndb_struct_na_base_pair_step.tilt 
_ndb_struct_na_base_pair_step.roll 
_ndb_struct_na_base_pair_step.twist 
_ndb_struct_na_base_pair_step.x_displacement 
_ndb_struct_na_base_pair_step.y_displacement 
_ndb_struct_na_base_pair_step.helical_rise 
_ndb_struct_na_base_pair_step.inclination 
_ndb_struct_na_base_pair_step.tip 
_ndb_struct_na_base_pair_step.helical_twist 
_ndb_struct_na_base_pair_step.step_number 
_ndb_struct_na_base_pair_step.step_name 
_ndb_struct_na_base_pair_step.i_auth_asym_id_1 
_ndb_struct_na_base_pair_step.i_auth_seq_id_1 
_ndb_struct_na_base_pair_step.i_PDB_ins_code_1 
_ndb_struct_na_base_pair_step.j_auth_asym_id_1 
_ndb_struct_na_base_pair_step.j_auth_seq_id_1 
_ndb_struct_na_base_pair_step.j_PDB_ins_code_1 
_ndb_struct_na_base_pair_step.i_auth_asym_id_2 
_ndb_struct_na_base_pair_step.i_auth_seq_id_2 
_ndb_struct_na_base_pair_step.i_PDB_ins_code_2 
_ndb_struct_na_base_pair_step.j_auth_asym_id_2 
_ndb_struct_na_base_pair_step.j_auth_seq_id_2 
_ndb_struct_na_base_pair_step.j_PDB_ins_code_2 
1 A DC 6 1_555 B DC 6  1_555 A DC 7 1_555 B DC 7  1_555 -0.462 -0.773 6.425  -1.224   0.793  -155.387 0.391   -0.244  6.425  
-0.406  -0.627  -155.389 1  AA_DC6DC7:DC7DC6_BB   A 6 ? B 6  ? A 7 ? B 7  ? 
1 A DC 1 1_555 A DG 12 8_445 A DG 2 1_555 A DC 11 8_445 -0.056 5.403  3.733  1.653    -9.389 -9.352   -5.230  2.932   6.418  
44.959  7.916   -13.347  2  AA_DC1DG2:DC11DG12_AA A 1 ? A 12 ? A 2 ? A 11 ? 
1 A DG 2 1_555 A DC 11 8_445 A DC 3 1_555 A DG 10 8_445 0.720  -0.802 3.147  -0.279   -8.629 -53.264  1.390   0.778   2.997  9.553 
-0.309  -53.909  3  AA_DG2DC3:DG10DC11_AA A 2 ? A 11 ? A 3 ? A 10 ? 
1 A DC 3 1_555 A DG 10 8_445 A DG 4 1_555 A DC 9  8_445 -0.170 5.298  3.935  0.574    -0.868 1.784    178.649 25.634  1.124  
-25.252 -16.690 2.065    4  AA_DC3DG4:DC9DG10_AA  A 3 ? A 10 ? A 4 ? A 9  ? 
1 A DC 1 8_445 A DG 12 1_555 A DG 2 8_445 A DC 11 1_555 -0.056 5.403  3.733  1.653    -9.389 -9.352   -5.230  2.932   6.418  
44.959  7.916   -13.347  5  AA_DC1DG2:DC11DG12_AA A 1 ? A 12 ? A 2 ? A 11 ? 
1 A DG 2 8_445 A DC 11 1_555 A DC 3 8_445 A DG 10 1_555 0.720  -0.802 3.147  -0.279   -8.629 -53.264  1.390   0.778   2.997  9.553 
-0.309  -53.909  6  AA_DG2DC3:DG10DC11_AA A 2 ? A 11 ? A 3 ? A 10 ? 
1 A DC 3 8_445 A DG 10 1_555 A DG 4 8_445 A DC 9  1_555 -0.170 5.298  3.935  0.574    -0.868 1.784    178.649 25.634  1.124  
-25.252 -16.690 2.065    7  AA_DC3DG4:DC9DG10_AA  A 3 ? A 10 ? A 4 ? A 9  ? 
1 B DC 1 1_555 B DG 12 8_445 B DG 2 1_555 B DC 11 8_445 -0.278 5.661  -3.717 -4.939   -7.981 4.963    4.091   17.906  -5.864 
-52.883 32.729  10.614   8  BB_DC1DG2:DC11DG12_BB B 1 ? B 12 ? B 2 ? B 11 ? 
1 B DG 2 1_555 B DC 11 8_445 B DC 3 1_555 B DG 10 8_445 -0.175 -0.940 -3.067 3.619    -7.698 54.229   -1.445  -0.010  -2.924 
-8.387  -3.942  54.842   9  BB_DG2DC3:DG10DC11_BB B 2 ? B 11 ? B 3 ? B 10 ? 
1 B DC 3 1_555 B DG 10 8_445 B DG 4 1_555 B DC 9  8_445 0.106  5.251  -4.007 1.113    -2.559 1.501    -5.208  -45.472 -6.102 
-56.602 -24.613 3.168    10 BB_DC3DG4:DC9DG10_BB  B 3 ? B 10 ? B 4 ? B 9  ? 
1 B DG 4 1_555 B DC 9  8_445 B DA 5 1_555 B DT 8  8_445 0.460  3.530  0.809  -155.735 79.316 -165.229 -1.787  0.188   0.649  
-39.668 -77.887 -179.328 11 BB_DG4DA5:DT8DC9_BB   B 4 ? B 9  ? B 5 ? B 8  ? 
1 B DC 1 8_445 B DG 12 1_555 B DG 2 8_445 B DC 11 1_555 -0.278 5.661  -3.717 -4.939   -7.981 4.963    4.091   17.906  -5.864 
-52.883 32.729  10.614   12 BB_DC1DG2:DC11DG12_BB B 1 ? B 12 ? B 2 ? B 11 ? 
1 B DG 2 8_445 B DC 11 1_555 B DC 3 8_445 B DG 10 1_555 -0.175 -0.940 -3.067 3.619    -7.698 54.229   -1.445  -0.010  -2.924 
-8.387  -3.942  54.842   13 BB_DG2DC3:DG10DC11_BB B 2 ? B 11 ? B 3 ? B 10 ? 
1 B DC 3 8_445 B DG 10 1_555 B DG 4 8_445 B DC 9  1_555 0.106  5.251  -4.007 1.113    -2.559 1.501    -5.208  -45.472 -6.102 
-56.602 -24.613 3.168    14 BB_DC3DG4:DC9DG10_BB  B 3 ? B 10 ? B 4 ? B 9  ? 
1 B DG 4 8_445 B DC 9  1_555 B DA 5 8_445 B DT 8  1_555 0.460  3.530  0.809  -155.735 79.316 -165.229 -1.787  0.188   0.649  
-39.668 -77.887 -179.328 15 BB_DG4DA5:DT8DC9_BB   B 4 ? B 9  ? B 5 ? B 8  ? 
# 
_pdbx_audit_support.funding_organization   'Ministry of Education, Culture, Sports, Science and Technology (Japan)' 
_pdbx_audit_support.country                Japan 
_pdbx_audit_support.grant_number           24245037 
_pdbx_audit_support.ordinal                1 
# 
_atom_sites.entry_id                    7EAQ 
_atom_sites.Cartn_transf_matrix[1][1]   ? 
_atom_sites.Cartn_transf_matrix[1][2]   ? 
_atom_sites.Cartn_transf_matrix[1][3]   ? 
_atom_sites.Cartn_transf_matrix[2][1]   ? 
_atom_sites.Cartn_transf_matrix[2][2]   ? 
_atom_sites.Cartn_transf_matrix[2][3]   ? 
_atom_sites.Cartn_transf_matrix[3][1]   ? 
_atom_sites.Cartn_transf_matrix[3][2]   ? 
_atom_sites.Cartn_transf_matrix[3][3]   ? 
_atom_sites.Cartn_transf_vector[1]      ? 
_atom_sites.Cartn_transf_vector[2]      ? 
_atom_sites.Cartn_transf_vector[3]      ? 
_atom_sites.fract_transf_matrix[1][1]   -0.01045025 
_atom_sites.fract_transf_matrix[1][2]   -0.03055425 
_atom_sites.fract_transf_matrix[1][3]   -0.00767283 
_atom_sites.fract_transf_matrix[2][1]   0.03142019 
_atom_sites.fract_transf_matrix[2][2]   -0.01069445 
_atom_sites.fract_transf_matrix[2][3]   -0.00020698 
_atom_sites.fract_transf_matrix[3][1]   -0.00039494 
_atom_sites.fract_transf_matrix[3][2]   -0.00126851 
_atom_sites.fract_transf_matrix[3][3]   0.00558927 
_atom_sites.fract_transf_vector[1]      -0.513367 
_atom_sites.fract_transf_vector[2]      -0.490570 
_atom_sites.fract_transf_vector[3]      0.246584 
_atom_sites.solution_primary            ? 
_atom_sites.solution_secondary          ? 
_atom_sites.solution_hydrogens          ? 
_atom_sites.special_details             ? 
# 
loop_
_atom_type.symbol 
C 
N 
O 
P 
# 
loop_
_atom_site.group_PDB 
_atom_site.id 
_atom_site.type_symbol 
_atom_site.label_atom_id 
_atom_site.label_alt_id 
_atom_site.label_comp_id 
_atom_site.label_asym_id 
_atom_site.label_entity_id 
_atom_site.label_seq_id 
_atom_site.pdbx_PDB_ins_code 
_atom_site.Cartn_x 
_atom_site.Cartn_y 
_atom_site.Cartn_z 
_atom_site.occupancy 
_atom_site.B_iso_or_equiv 
_atom_site.pdbx_formal_charge 
_atom_site.auth_seq_id 
_atom_site.auth_comp_id 
_atom_site.auth_asym_id 
_atom_site.auth_atom_id 
_atom_site.pdbx_PDB_model_num 
ATOM   1   O "O5'" . DC  A 1 1  ? 5.664   -7.888  -20.603 1.00 50.09 ?  1   DC  A "O5'" 1 
ATOM   2   C "C5'" . DC  A 1 1  ? 7.014   -7.809  -21.080 1.00 47.98 ?  1   DC  A "C5'" 1 
ATOM   3   C "C4'" . DC  A 1 1  ? 7.847   -6.977  -20.131 1.00 44.20 ?  1   DC  A "C4'" 1 
ATOM   4   O "O4'" . DC  A 1 1  ? 8.291   -7.816  -19.021 1.00 43.31 ?  1   DC  A "O4'" 1 
ATOM   5   C "C3'" . DC  A 1 1  ? 9.121   -6.430  -20.732 1.00 40.61 ?  1   DC  A "C3'" 1 
ATOM   6   O "O3'" . DC  A 1 1  ? 9.606   -5.407  -19.895 1.00 47.00 ?  1   DC  A "O3'" 1 
ATOM   7   C "C2'" . DC  A 1 1  ? 10.020  -7.648  -20.631 1.00 40.76 ?  1   DC  A "C2'" 1 
ATOM   8   C "C1'" . DC  A 1 1  ? 9.675   -8.129  -19.212 1.00 46.79 ?  1   DC  A "C1'" 1 
ATOM   9   N N1    . DC  A 1 1  ? 9.888   -9.617  -18.978 1.00 42.89 ?  1   DC  A N1    1 
ATOM   10  C C2    . DC  A 1 1  ? 11.137  -10.092 -18.542 1.00 41.76 ?  1   DC  A C2    1 
ATOM   11  O O2    . DC  A 1 1  ? 12.063  -9.281  -18.359 1.00 41.15 ?  1   DC  A O2    1 
ATOM   12  N N3    . DC  A 1 1  ? 11.291  -11.429 -18.331 1.00 41.76 ?  1   DC  A N3    1 
ATOM   13  C C4    . DC  A 1 1  ? 10.255  -12.261 -18.534 1.00 41.89 ?  1   DC  A C4    1 
ATOM   14  N N4    . DC  A 1 1  ? 10.435  -13.568 -18.326 1.00 40.10 ?  1   DC  A N4    1 
ATOM   15  C C5    . DC  A 1 1  ? 8.993   -11.791 -18.978 1.00 40.64 ?  1   DC  A C5    1 
ATOM   16  C C6    . DC  A 1 1  ? 8.850   -10.478 -19.172 1.00 40.85 ?  1   DC  A C6    1 
ATOM   17  P P     . DG  A 1 2  ? 9.286   -3.865  -20.205 1.00 50.46 ?  2   DG  A P     1 
ATOM   18  O OP1   . DG  A 1 2  ? 8.998   -3.821  -21.663 1.00 51.43 ?  2   DG  A OP1   1 
ATOM   19  O OP2   . DG  A 1 2  ? 10.312  -3.027  -19.494 1.00 40.67 ?  2   DG  A OP2   1 
ATOM   20  O "O5'" . DG  A 1 2  ? 7.897   -3.601  -19.458 1.00 49.50 ?  2   DG  A "O5'" 1 
ATOM   21  C "C5'" . DG  A 1 2  ? 7.887   -2.983  -18.164 1.00 43.21 ?  2   DG  A "C5'" 1 
ATOM   22  C "C4'" . DG  A 1 2  ? 6.492   -3.079  -17.571 1.00 43.70 ?  2   DG  A "C4'" 1 
ATOM   23  O "O4'" . DG  A 1 2  ? 5.914   -4.310  -17.994 1.00 43.39 ?  2   DG  A "O4'" 1 
ATOM   24  C "C3'" . DG  A 1 2  ? 6.414   -3.127  -16.056 1.00 39.99 ?  2   DG  A "C3'" 1 
ATOM   25  O "O3'" . DG  A 1 2  ? 6.293   -1.793  -15.534 1.00 37.80 ?  2   DG  A "O3'" 1 
ATOM   26  C "C2'" . DG  A 1 2  ? 5.160   -3.983  -15.795 1.00 41.21 ?  2   DG  A "C2'" 1 
ATOM   27  C "C1'" . DG  A 1 2  ? 4.850   -4.626  -17.158 1.00 38.89 ?  2   DG  A "C1'" 1 
ATOM   28  N N9    . DG  A 1 2  ? 4.765   -6.071  -17.175 1.00 36.82 ?  2   DG  A N9    1 
ATOM   29  C C8    . DG  A 1 2  ? 3.751   -6.839  -17.695 1.00 38.09 ?  2   DG  A C8    1 
ATOM   30  N N7    . DG  A 1 2  ? 3.976   -8.134  -17.612 1.00 37.62 ?  2   DG  A N7    1 
ATOM   31  C C5    . DG  A 1 2  ? 5.231   -8.222  -17.029 1.00 38.62 ?  2   DG  A C5    1 
ATOM   32  C C6    . DG  A 1 2  ? 6.012   -9.359  -16.704 1.00 40.54 ?  2   DG  A C6    1 
ATOM   33  O O6    . DG  A 1 2  ? 5.722   -10.572 -16.868 1.00 39.98 ?  2   DG  A O6    1 
ATOM   34  N N1    . DG  A 1 2  ? 7.241   -8.987  -16.123 1.00 36.43 ?  2   DG  A N1    1 
ATOM   35  C C2    . DG  A 1 2  ? 7.643   -7.683  -15.900 1.00 36.81 ?  2   DG  A C2    1 
ATOM   36  N N2    . DG  A 1 2  ? 8.839   -7.511  -15.342 1.00 41.21 ?  2   DG  A N2    1 
ATOM   37  N N3    . DG  A 1 2  ? 6.929   -6.622  -16.208 1.00 39.69 ?  2   DG  A N3    1 
ATOM   38  C C4    . DG  A 1 2  ? 5.738   -6.957  -16.768 1.00 41.26 ?  2   DG  A C4    1 
ATOM   39  P P     . DC  A 1 3  ? 7.200   -1.349  -14.275 1.00 52.02 ?  3   DC  A P     1 
ATOM   40  O OP1   . DC  A 1 3  ? 7.160   0.125   -14.042 1.00 39.27 ?  3   DC  A OP1   1 
ATOM   41  O OP2   . DC  A 1 3  ? 8.536   -1.963  -14.530 1.00 44.75 ?  3   DC  A OP2   1 
ATOM   42  O "O5'" . DC  A 1 3  ? 6.425   -2.093  -13.037 1.00 47.30 ?  3   DC  A "O5'" 1 
ATOM   43  C "C5'" . DC  A 1 3  ? 6.746   -1.847  -11.659 1.00 41.72 ?  3   DC  A "C5'" 1 
ATOM   44  C "C4'" . DC  A 1 3  ? 7.375   -3.092  -11.046 1.00 45.70 ?  3   DC  A "C4'" 1 
ATOM   45  O "O4'" . DC  A 1 3  ? 6.507   -4.235  -11.243 1.00 39.68 ?  3   DC  A "O4'" 1 
ATOM   46  C "C3'" . DC  A 1 3  ? 8.688   -3.476  -11.710 1.00 46.73 ?  3   DC  A "C3'" 1 
ATOM   47  O "O3'" . DC  A 1 3  ? 9.850   -2.884  -11.022 1.00 48.86 ?  3   DC  A "O3'" 1 
ATOM   48  C "C2'" . DC  A 1 3  ? 8.695   -5.028  -11.780 1.00 42.55 ?  3   DC  A "C2'" 1 
ATOM   49  C "C1'" . DC  A 1 3  ? 7.300   -5.415  -11.276 1.00 40.85 ?  3   DC  A "C1'" 1 
ATOM   50  N N1    . DC  A 1 3  ? 6.562   -6.496  -12.080 1.00 39.05 ?  3   DC  A N1    1 
ATOM   51  C C2    . DC  A 1 3  ? 6.989   -7.842  -12.040 1.00 39.60 ?  3   DC  A C2    1 
ATOM   52  O O2    . DC  A 1 3  ? 8.010   -8.159  -11.398 1.00 38.75 ?  3   DC  A O2    1 
ATOM   53  N N3    . DC  A 1 3  ? 6.267   -8.769  -12.717 1.00 39.98 ?  3   DC  A N3    1 
ATOM   54  C C4    . DC  A 1 3  ? 5.175   -8.417  -13.394 1.00 35.55 ?  3   DC  A C4    1 
ATOM   55  N N4    . DC  A 1 3  ? 4.517   -9.376  -14.041 1.00 35.84 ?  3   DC  A N4    1 
ATOM   56  C C5    . DC  A 1 3  ? 4.721   -7.082  -13.442 1.00 34.15 ?  3   DC  A C5    1 
ATOM   57  C C6    . DC  A 1 3  ? 5.419   -6.167  -12.757 1.00 38.77 ?  3   DC  A C6    1 
ATOM   58  P P     . DG  A 1 4  ? 9.918   -2.616  -9.434  1.00 57.40 ?  4   DG  A P     1 
ATOM   59  O OP1   . DG  A 1 4  ? 11.279  -2.106  -9.156  1.00 54.00 ?  4   DG  A OP1   1 
ATOM   60  O OP2   . DG  A 1 4  ? 9.436   -3.850  -8.776  1.00 57.72 ?  4   DG  A OP2   1 
ATOM   61  O "O5'" . DG  A 1 4  ? 8.959   -1.361  -9.118  1.00 50.96 ?  4   DG  A "O5'" 1 
ATOM   62  C "C5'" . DG  A 1 4  ? 8.888   -0.835  -7.754  1.00 55.63 ?  4   DG  A "C5'" 1 
ATOM   63  C "C4'" . DG  A 1 4  ? 7.628   0.000   -7.539  1.00 55.09 ?  4   DG  A "C4'" 1 
ATOM   64  O "O4'" . DG  A 1 4  ? 6.649   -0.404  -8.510  1.00 46.48 ?  4   DG  A "O4'" 1 
ATOM   65  C "C3'" . DG  A 1 4  ? 6.955   -0.163  -6.163  1.00 51.51 ?  4   DG  A "C3'" 1 
ATOM   66  O "O3'" . DG  A 1 4  ? 7.175   0.999   -5.341  1.00 56.83 ?  4   DG  A "O3'" 1 
ATOM   67  C "C2'" . DG  A 1 4  ? 5.456   -0.366  -6.476  1.00 49.01 ?  4   DG  A "C2'" 1 
ATOM   68  C "C1'" . DG  A 1 4  ? 5.366   -0.186  -8.000  1.00 46.86 ?  4   DG  A "C1'" 1 
ATOM   69  N N9    . DG  A 1 4  ? 4.466   -1.123  -8.675  1.00 42.27 ?  4   DG  A N9    1 
ATOM   70  C C8    . DG  A 1 4  ? 3.366   -0.813  -9.444  1.00 40.31 ?  4   DG  A C8    1 
ATOM   71  N N7    . DG  A 1 4  ? 2.762   -1.859  -9.929  1.00 37.93 ?  4   DG  A N7    1 
ATOM   72  C C5    . DG  A 1 4  ? 3.518   -2.925  -9.489  1.00 34.81 ?  4   DG  A C5    1 
ATOM   73  C C6    . DG  A 1 4  ? 3.351   -4.294  -9.706  1.00 36.57 ?  4   DG  A C6    1 
ATOM   74  O O6    . DG  A 1 4  ? 2.474   -4.868  -10.361 1.00 38.74 ?  4   DG  A O6    1 
ATOM   75  N N1    . DG  A 1 4  ? 4.330   -5.041  -9.056  1.00 38.80 ?  4   DG  A N1    1 
ATOM   76  C C2    . DG  A 1 4  ? 5.346   -4.519  -8.307  1.00 34.25 ?  4   DG  A C2    1 
ATOM   77  N N2    . DG  A 1 4  ? 6.198   -5.386  -7.809  1.00 34.21 ?  4   DG  A N2    1 
ATOM   78  N N3    . DG  A 1 4  ? 5.516   -3.237  -8.082  1.00 39.23 ?  4   DG  A N3    1 
ATOM   79  C C4    . DG  A 1 4  ? 4.571   -2.494  -8.709  1.00 40.91 ?  4   DG  A C4    1 
ATOM   80  P P     . DA  A 1 5  ? 7.329   0.845   -3.728  1.00 76.67 ?  5   DA  A P     1 
ATOM   81  O OP1   . DA  A 1 5  ? 8.329   -0.209  -3.443  1.00 76.82 ?  5   DA  A OP1   1 
ATOM   82  O OP2   . DA  A 1 5  ? 6.019   0.682   -3.069  1.00 63.99 ?  5   DA  A OP2   1 
ATOM   83  O "O5'" . DA  A 1 5  ? 7.874   2.262   -3.266  1.00 71.63 ?  5   DA  A "O5'" 1 
ATOM   84  C "C5'" . DA  A 1 5  ? 8.232   3.207   -4.234  1.00 70.14 ?  5   DA  A "C5'" 1 
ATOM   85  C "C4'" . DA  A 1 5  ? 7.873   4.599   -3.773  1.00 73.21 ?  5   DA  A "C4'" 1 
ATOM   86  O "O4'" . DA  A 1 5  ? 8.317   5.546   -4.765  1.00 81.96 ?  5   DA  A "O4'" 1 
ATOM   87  C "C3'" . DA  A 1 5  ? 6.384   4.857   -3.637  1.00 69.51 ?  5   DA  A "C3'" 1 
ATOM   88  O "O3'" . DA  A 1 5  ? 6.157   5.972   -2.786  1.00 73.33 ?  5   DA  A "O3'" 1 
ATOM   89  C "C2'" . DA  A 1 5  ? 5.982   5.186   -5.071  1.00 70.38 ?  5   DA  A "C2'" 1 
ATOM   90  C "C1'" . DA  A 1 5  ? 7.255   5.816   -5.663  1.00 78.85 ?  5   DA  A "C1'" 1 
ATOM   91  N N9    . DA  A 1 5  ? 7.589   5.273   -6.979  1.00 75.31 ?  5   DA  A N9    1 
ATOM   92  C C8    . DA  A 1 5  ? 7.450   3.973   -7.385  1.00 72.85 ?  5   DA  A C8    1 
ATOM   93  N N7    . DA  A 1 5  ? 7.796   3.767   -8.637  1.00 80.38 ?  5   DA  A N7    1 
ATOM   94  C C5    . DA  A 1 5  ? 8.184   5.019   -9.091  1.00 85.42 ?  5   DA  A C5    1 
ATOM   95  C C6    . DA  A 1 5  ? 8.667   5.475   -10.342 1.00 87.99 ?  5   DA  A C6    1 
ATOM   96  N N6    . DA  A 1 5  ? 8.841   4.672   -11.400 1.00 90.82 ?  5   DA  A N6    1 
ATOM   97  N N1    . DA  A 1 5  ? 8.964   6.794   -10.464 1.00 90.40 ?  5   DA  A N1    1 
ATOM   98  C C2    . DA  A 1 5  ? 8.791   7.596   -9.401  1.00 93.94 ?  5   DA  A C2    1 
ATOM   99  N N3    . DA  A 1 5  ? 8.345   7.283   -8.170  1.00 96.21 ?  5   DA  A N3    1 
ATOM   100 C C4    . DA  A 1 5  ? 8.059   5.965   -8.081  1.00 86.75 ?  5   DA  A C4    1 
ATOM   101 P P     . DC  A 1 6  ? 5.002   5.941   -1.664  1.00 77.07 ?  6   DC  A P     1 
ATOM   102 O OP1   . DC  A 1 6  ? 4.914   7.293   -1.047  1.00 76.94 ?  6   DC  A OP1   1 
ATOM   103 O OP2   . DC  A 1 6  ? 5.242   4.716   -0.864  1.00 73.80 ?  6   DC  A OP2   1 
ATOM   104 O "O5'" . DC  A 1 6  ? 3.637   5.739   -2.476  1.00 71.16 ?  6   DC  A "O5'" 1 
ATOM   105 C "C5'" . DC  A 1 6  ? 3.199   6.720   -3.433  1.00 61.20 ?  6   DC  A "C5'" 1 
ATOM   106 C "C4'" . DC  A 1 6  ? 1.752   6.458   -3.815  1.00 54.46 ?  6   DC  A "C4'" 1 
ATOM   107 O "O4'" . DC  A 1 6  ? 1.634   5.206   -4.555  1.00 47.77 ?  6   DC  A "O4'" 1 
ATOM   108 C "C3'" . DC  A 1 6  ? 0.791   6.371   -2.632  1.00 51.44 ?  6   DC  A "C3'" 1 
ATOM   109 O "O3'" . DC  A 1 6  ? -0.329  7.147   -2.909  1.00 57.05 ?  6   DC  A "O3'" 1 
ATOM   110 C "C2'" . DC  A 1 6  ? 0.435   4.888   -2.511  1.00 42.94 ?  6   DC  A "C2'" 1 
ATOM   111 C "C1'" . DC  A 1 6  ? 0.720   4.321   -3.914  1.00 45.71 ?  6   DC  A "C1'" 1 
ATOM   112 N N1    . DC  A 1 6  ? 1.331   2.929   -3.881  1.00 38.73 ?  6   DC  A N1    1 
ATOM   113 C C2    . DC  A 1 6  ? 0.530   1.785   -4.068  1.00 37.33 ?  6   DC  A C2    1 
ATOM   114 O O2    . DC  A 1 6  ? -0.687  1.911   -4.287  1.00 35.68 ?  6   DC  A O2    1 
ATOM   115 N N3    . DC  A 1 6  ? 1.114   0.567   -4.008  1.00 36.77 ?  6   DC  A N3    1 
ATOM   116 C C4    . DC  A 1 6  ? 2.422   0.462   -3.759  1.00 37.76 ?  6   DC  A C4    1 
ATOM   117 N N4    . DC  A 1 6  ? 2.965   -0.764  -3.716  1.00 37.00 ?  6   DC  A N4    1 
ATOM   118 C C5    . DC  A 1 6  ? 3.233   1.603   -3.562  1.00 42.31 ?  6   DC  A C5    1 
ATOM   119 C C6    . DC  A 1 6  ? 2.654   2.799   -3.628  1.00 42.69 ?  6   DC  A C6    1 
ATOM   120 P P     . DC  A 1 7  ? -0.953  8.082   -1.775  1.00 69.15 ?  7   DC  A P     1 
ATOM   121 O OP1   . DC  A 1 7  ? -2.317  8.443   -2.268  1.00 60.51 ?  7   DC  A OP1   1 
ATOM   122 O OP2   . DC  A 1 7  ? -0.014  9.186   -1.456  1.00 65.25 ?  7   DC  A OP2   1 
ATOM   123 O "O5'" . DC  A 1 7  ? -0.952  7.101   -0.506  1.00 49.83 ?  7   DC  A "O5'" 1 
ATOM   124 C "C5'" . DC  A 1 7  ? -1.763  7.384   0.569   1.00 49.82 ?  7   DC  A "C5'" 1 
ATOM   125 C "C4'" . DC  A 1 7  ? -2.549  6.156   1.008   1.00 50.36 ?  7   DC  A "C4'" 1 
ATOM   126 O "O4'" . DC  A 1 7  ? -1.847  4.940   0.687   1.00 48.26 ?  7   DC  A "O4'" 1 
ATOM   127 C "C3'" . DC  A 1 7  ? -2.765  6.077   2.501   1.00 42.04 ?  7   DC  A "C3'" 1 
ATOM   128 O "O3'" . DC  A 1 7  ? -3.956  6.726   2.806   1.00 48.23 ?  7   DC  A "O3'" 1 
ATOM   129 C "C2'" . DC  A 1 7  ? -2.854  4.581   2.786   1.00 40.41 ?  7   DC  A "C2'" 1 
ATOM   130 C "C1'" . DC  A 1 7  ? -2.397  3.916   1.490   1.00 41.36 ?  7   DC  A "C1'" 1 
ATOM   131 N N1    . DC  A 1 7  ? -1.394  2.866   1.718   1.00 32.25 ?  7   DC  A N1    1 
ATOM   132 C C2    . DC  A 1 7  ? -1.795  1.533   1.725   1.00 31.42 ?  7   DC  A C2    1 
ATOM   133 O O2    . DC  A 1 7  ? -2.980  1.263   1.513   1.00 30.26 ?  7   DC  A O2    1 
ATOM   134 N N3    . DC  A 1 7  ? -0.873  0.574   1.962   1.00 32.49 ?  7   DC  A N3    1 
ATOM   135 C C4    . DC  A 1 7  ? 0.407   0.907   2.196   1.00 34.74 ?  7   DC  A C4    1 
ATOM   136 N N4    . DC  A 1 7  ? 1.298   -0.086  2.426   1.00 32.40 ?  7   DC  A N4    1 
ATOM   137 C C5    . DC  A 1 7  ? 0.833   2.275   2.189   1.00 34.98 ?  7   DC  A C5    1 
ATOM   138 C C6    . DC  A 1 7  ? -0.096  3.211   1.960   1.00 34.32 ?  7   DC  A C6    1 
ATOM   139 P P     . DT  A 1 8  ? -3.911  8.086   3.655   1.00 51.57 ?  8   DT  A P     1 
ATOM   140 O OP1   . DT  A 1 8  ? -4.033  9.233   2.709   1.00 51.79 ?  8   DT  A OP1   1 
ATOM   141 O OP2   . DT  A 1 8  ? -2.745  7.909   4.558   1.00 44.74 ?  8   DT  A OP2   1 
ATOM   142 O "O5'" . DT  A 1 8  ? -5.265  8.056   4.483   1.00 43.82 ?  8   DT  A "O5'" 1 
ATOM   143 C "C5'" . DT  A 1 8  ? -6.435  7.554   3.876   1.00 42.50 ?  8   DT  A "C5'" 1 
ATOM   144 C "C4'" . DT  A 1 8  ? -7.448  7.141   4.919   1.00 44.08 ?  8   DT  A "C4'" 1 
ATOM   145 O "O4'" . DT  A 1 8  ? -7.128  5.822   5.433   1.00 44.24 ?  8   DT  A "O4'" 1 
ATOM   146 C "C3'" . DT  A 1 8  ? -7.517  8.043   6.142   1.00 42.11 ?  8   DT  A "C3'" 1 
ATOM   147 O "O3'" . DT  A 1 8  ? -8.836  8.011   6.653   1.00 41.73 ?  8   DT  A "O3'" 1 
ATOM   148 C "C2'" . DT  A 1 8  ? -6.514  7.380   7.099   1.00 41.10 ?  8   DT  A "C2'" 1 
ATOM   149 C "C1'" . DT  A 1 8  ? -6.772  5.913   6.812   1.00 41.11 ?  8   DT  A "C1'" 1 
ATOM   150 N N1    . DT  A 1 8  ? -5.619  5.064   7.017   1.00 38.71 ?  8   DT  A N1    1 
ATOM   151 C C2    . DT  A 1 8  ? -5.818  3.810   7.512   1.00 39.59 ?  8   DT  A C2    1 
ATOM   152 O O2    . DT  A 1 8  ? -6.914  3.387   7.820   1.00 41.65 ?  8   DT  A O2    1 
ATOM   153 N N3    . DT  A 1 8  ? -4.693  3.049   7.624   1.00 38.21 ?  8   DT  A N3    1 
ATOM   154 C C4    . DT  A 1 8  ? -3.408  3.404   7.289   1.00 37.09 ?  8   DT  A C4    1 
ATOM   155 O O4    . DT  A 1 8  ? -2.460  2.632   7.465   1.00 38.86 ?  8   DT  A O4    1 
ATOM   156 C C5    . DT  A 1 8  ? -3.260  4.749   6.742   1.00 38.71 ?  8   DT  A C5    1 
ATOM   157 C C7    . DT  A 1 8  ? -1.910  5.283   6.348   1.00 36.09 ?  8   DT  A C7    1 
ATOM   158 C C6    . DT  A 1 8  ? -4.371  5.500   6.627   1.00 40.94 ?  8   DT  A C6    1 
ATOM   159 P P     . DC  A 1 9  ? -9.635  9.380   6.861   1.00 48.12 ?  9   DC  A P     1 
ATOM   160 O OP1   . DC  A 1 9  ? -10.902 8.990   7.527   1.00 44.32 ?  9   DC  A OP1   1 
ATOM   161 O OP2   . DC  A 1 9  ? -9.757  10.096  5.543   1.00 45.54 ?  9   DC  A OP2   1 
ATOM   162 O "O5'" . DC  A 1 9  ? -8.633  10.194  7.843   1.00 40.50 ?  9   DC  A "O5'" 1 
ATOM   163 C "C5'" . DC  A 1 9  ? -8.588  11.618  7.805   1.00 45.13 ?  9   DC  A "C5'" 1 
ATOM   164 C "C4'" . DC  A 1 9  ? -7.525  12.160  8.730   1.00 42.12 ?  9   DC  A "C4'" 1 
ATOM   165 O "O4'" . DC  A 1 9  ? -7.514  11.391  9.944   1.00 39.31 ?  9   DC  A "O4'" 1 
ATOM   166 C "C3'" . DC  A 1 9  ? -6.105  12.101  8.174   1.00 47.75 ?  9   DC  A "C3'" 1 
ATOM   167 O "O3'" . DC  A 1 9  ? -5.319  13.240  8.624   1.00 50.69 ?  9   DC  A "O3'" 1 
ATOM   168 C "C2'" . DC  A 1 9  ? -5.567  10.785  8.730   1.00 45.63 ?  9   DC  A "C2'" 1 
ATOM   169 C "C1'" . DC  A 1 9  ? -6.322  10.631  10.048  1.00 43.60 ?  9   DC  A "C1'" 1 
ATOM   170 N N1    . DC  A 1 9  ? -6.713  9.218   10.346  1.00 40.80 ?  9   DC  A N1    1 
ATOM   171 C C2    . DC  A 1 9  ? -5.740  8.205   10.471  1.00 37.08 ?  9   DC  A C2    1 
ATOM   172 O O2    . DC  A 1 9  ? -4.540  8.475   10.345  1.00 37.17 ?  9   DC  A O2    1 
ATOM   173 N N3    . DC  A 1 9  ? -6.146  6.948   10.740  1.00 36.14 ?  9   DC  A N3    1 
ATOM   174 C C4    . DC  A 1 9  ? -7.448  6.672   10.889  1.00 38.54 ?  9   DC  A C4    1 
ATOM   175 N N4    . DC  A 1 9  ? -7.794  5.405   11.152  1.00 36.72 ?  9   DC  A N4    1 
ATOM   176 C C5    . DC  A 1 9  ? -8.450  7.675   10.756  1.00 39.91 ?  9   DC  A C5    1 
ATOM   177 C C6    . DC  A 1 9  ? -8.043  8.920   10.488  1.00 41.65 ?  9   DC  A C6    1 
ATOM   178 P P     . DG  A 1 10 ? -5.669  14.724  8.108   1.00 52.71 ?  10  DG  A P     1 
ATOM   179 O OP1   . DG  A 1 10 ? -6.432  14.596  6.837   1.00 49.89 ?  10  DG  A OP1   1 
ATOM   180 O OP2   . DG  A 1 10 ? -4.387  15.462  8.155   1.00 51.77 ?  10  DG  A OP2   1 
ATOM   181 O "O5'" . DG  A 1 10 ? -6.723  15.300  9.189   1.00 52.42 ?  10  DG  A "O5'" 1 
ATOM   182 C "C5'" . DG  A 1 10 ? -6.340  15.519  10.558  1.00 52.68 ?  10  DG  A "C5'" 1 
ATOM   183 C "C4'" . DG  A 1 10 ? -7.482  16.155  11.358  1.00 53.54 ?  10  DG  A "C4'" 1 
ATOM   184 O "O4'" . DG  A 1 10 ? -8.683  15.361  11.169  1.00 54.89 ?  10  DG  A "O4'" 1 
ATOM   185 C "C3'" . DG  A 1 10 ? -7.278  16.209  12.875  1.00 53.13 ?  10  DG  A "C3'" 1 
ATOM   186 O "O3'" . DG  A 1 10 ? -6.604  17.435  13.285  1.00 58.76 ?  10  DG  A "O3'" 1 
ATOM   187 C "C2'" . DG  A 1 10 ? -8.709  16.158  13.409  1.00 49.65 ?  10  DG  A "C2'" 1 
ATOM   188 C "C1'" . DG  A 1 10 ? -9.443  15.316  12.370  1.00 44.21 ?  10  DG  A "C1'" 1 
ATOM   189 N N9    . DG  A 1 10 ? -9.683  13.907  12.757  1.00 39.08 ?  10  DG  A N9    1 
ATOM   190 C C8    . DG  A 1 10 ? -10.920 13.288  12.885  1.00 42.44 ?  10  DG  A C8    1 
ATOM   191 N N7    . DG  A 1 10 ? -10.849 12.022  13.237  1.00 42.01 ?  10  DG  A N7    1 
ATOM   192 C C5    . DG  A 1 10 ? -9.475  11.783  13.350  1.00 40.82 ?  10  DG  A C5    1 
ATOM   193 C C6    . DG  A 1 10 ? -8.778  10.593  13.705  1.00 38.50 ?  10  DG  A C6    1 
ATOM   194 O O6    . DG  A 1 10 ? -9.248  9.487   14.006  1.00 36.55 ?  10  DG  A O6    1 
ATOM   195 N N1    . DG  A 1 10 ? -7.400  10.783  13.707  1.00 38.39 ?  10  DG  A N1    1 
ATOM   196 C C2    . DG  A 1 10 ? -6.770  11.970  13.402  1.00 45.33 ?  10  DG  A C2    1 
ATOM   197 N N2    . DG  A 1 10 ? -5.423  11.959  13.449  1.00 48.10 ?  10  DG  A N2    1 
ATOM   198 N N3    . DG  A 1 10 ? -7.409  13.092  13.059  1.00 43.83 ?  10  DG  A N3    1 
ATOM   199 C C4    . DG  A 1 10 ? -8.749  12.934  13.056  1.00 38.83 ?  10  DG  A C4    1 
ATOM   200 P P     . DC  A 1 11 ? -5.002  17.604  13.113  1.00 68.03 ?  11  DC  A P     1 
ATOM   201 O OP1   . DC  A 1 11 ? -4.797  18.825  12.298  1.00 73.48 ?  11  DC  A OP1   1 
ATOM   202 O OP2   . DC  A 1 11 ? -4.387  16.349  12.624  1.00 64.20 ?  11  DC  A OP2   1 
ATOM   203 O "O5'" . DC  A 1 11 ? -4.467  17.880  14.594  1.00 64.18 ?  11  DC  A "O5'" 1 
ATOM   204 C "C5'" . DC  A 1 11 ? -5.015  17.178  15.709  1.00 58.71 ?  11  DC  A "C5'" 1 
ATOM   205 C "C4'" . DC  A 1 11 ? -3.947  16.353  16.398  1.00 57.93 ?  11  DC  A "C4'" 1 
ATOM   206 O "O4'" . DC  A 1 11 ? -4.604  15.445  17.317  1.00 58.02 ?  11  DC  A "O4'" 1 
ATOM   207 C "C3'" . DC  A 1 11 ? -3.153  15.444  15.471  1.00 56.95 ?  11  DC  A "C3'" 1 
ATOM   208 O "O3'" . DC  A 1 11 ? -1.968  14.974  16.105  1.00 59.75 ?  11  DC  A "O3'" 1 
ATOM   209 C "C2'" . DC  A 1 11 ? -4.132  14.300  15.306  1.00 56.16 ?  11  DC  A "C2'" 1 
ATOM   210 C "C1'" . DC  A 1 11 ? -4.682  14.156  16.736  1.00 53.48 ?  11  DC  A "C1'" 1 
ATOM   211 N N1    . DC  A 1 11 ? -6.103  13.695  16.745  1.00 46.47 ?  11  DC  A N1    1 
ATOM   212 C C2    . DC  A 1 11 ? -6.393  12.346  16.982  1.00 42.10 ?  11  DC  A C2    1 
ATOM   213 O O2    . DC  A 1 11 ? -5.474  11.572  17.232  1.00 45.03 ?  11  DC  A O2    1 
ATOM   214 N N3    . DC  A 1 11 ? -7.675  11.927  16.935  1.00 39.23 ?  11  DC  A N3    1 
ATOM   215 C C4    . DC  A 1 11 ? -8.654  12.789  16.641  1.00 42.64 ?  11  DC  A C4    1 
ATOM   216 N N4    . DC  A 1 11 ? -9.924  12.324  16.607  1.00 35.59 ?  11  DC  A N4    1 
ATOM   217 C C5    . DC  A 1 11 ? -8.379  14.171  16.371  1.00 48.33 ?  11  DC  A C5    1 
ATOM   218 C C6    . DC  A 1 11 ? -7.099  14.573  16.429  1.00 48.51 ?  11  DC  A C6    1 
ATOM   219 P P     . DG  A 1 12 ? -0.641  15.876  16.154  1.00 71.28 ?  12  DG  A P     1 
ATOM   220 O OP1   . DG  A 1 12 ? -0.516  16.554  14.838  1.00 62.40 ?  12  DG  A OP1   1 
ATOM   221 O OP2   . DG  A 1 12 ? 0.493   15.049  16.657  1.00 59.09 ?  12  DG  A OP2   1 
ATOM   222 O "O5'" . DG  A 1 12 ? -1.023  16.943  17.283  1.00 65.76 ?  12  DG  A "O5'" 1 
ATOM   223 C "C5'" . DG  A 1 12 ? -0.061  17.828  17.801  1.00 62.16 ?  12  DG  A "C5'" 1 
ATOM   224 C "C4'" . DG  A 1 12 ? -0.723  18.759  18.785  1.00 59.73 ?  12  DG  A "C4'" 1 
ATOM   225 O "O4'" . DG  A 1 12 ? -2.018  19.119  18.279  1.00 60.74 ?  12  DG  A "O4'" 1 
ATOM   226 C "C3'" . DG  A 1 12 ? -1.029  18.133  20.129  1.00 60.36 ?  12  DG  A "C3'" 1 
ATOM   227 O "O3'" . DG  A 1 12 ? 0.105   18.221  20.991  1.00 61.06 ?  12  DG  A "O3'" 1 
ATOM   228 C "C2'" . DG  A 1 12 ? -2.188  18.994  20.649  1.00 62.59 ?  12  DG  A "C2'" 1 
ATOM   229 C "C1'" . DG  A 1 12 ? -2.817  19.542  19.370  1.00 59.35 ?  12  DG  A "C1'" 1 
ATOM   230 N N9    . DG  A 1 12 ? -4.230  19.166  19.164  1.00 58.89 ?  12  DG  A N9    1 
ATOM   231 C C8    . DG  A 1 12 ? -5.197  19.986  18.640  1.00 61.07 ?  12  DG  A C8    1 
ATOM   232 N N7    . DG  A 1 12 ? -6.377  19.445  18.575  1.00 61.80 ?  12  DG  A N7    1 
ATOM   233 C C5    . DG  A 1 12 ? -6.209  18.178  19.111  1.00 58.42 ?  12  DG  A C5    1 
ATOM   234 C C6    . DG  A 1 12 ? -7.166  17.147  19.298  1.00 55.03 ?  12  DG  A C6    1 
ATOM   235 O O6    . DG  A 1 12 ? -8.377  17.170  19.006  1.00 52.79 ?  12  DG  A O6    1 
ATOM   236 N N1    . DG  A 1 12 ? -6.598  16.007  19.872  1.00 49.26 ?  12  DG  A N1    1 
ATOM   237 C C2    . DG  A 1 12 ? -5.274  15.885  20.209  1.00 50.73 ?  12  DG  A C2    1 
ATOM   238 N N2    . DG  A 1 12 ? -4.916  14.709  20.740  1.00 48.73 ?  12  DG  A N2    1 
ATOM   239 N N3    . DG  A 1 12 ? -4.356  16.854  20.045  1.00 52.75 ?  12  DG  A N3    1 
ATOM   240 C C4    . DG  A 1 12 ? -4.892  17.972  19.489  1.00 56.96 ?  12  DG  A C4    1 
ATOM   241 O "O5'" . DC  B 1 1  ? 5.788   5.124   -19.833 1.00 49.14 ?  1   DC  B "O5'" 1 
ATOM   242 C "C5'" . DC  B 1 1  ? 5.859   4.378   -21.045 1.00 41.58 ?  1   DC  B "C5'" 1 
ATOM   243 C "C4'" . DC  B 1 1  ? 4.615   3.544   -21.192 1.00 41.26 ?  1   DC  B "C4'" 1 
ATOM   244 O "O4'" . DC  B 1 1  ? 3.480   4.287   -20.647 1.00 42.50 ?  1   DC  B "O4'" 1 
ATOM   245 C "C3'" . DC  B 1 1  ? 4.235   3.228   -22.625 1.00 40.95 ?  1   DC  B "C3'" 1 
ATOM   246 O "O3'" . DC  B 1 1  ? 3.468   2.061   -22.659 1.00 44.18 ?  1   DC  B "O3'" 1 
ATOM   247 C "C2'" . DC  B 1 1  ? 3.408   4.442   -23.024 1.00 41.85 ?  1   DC  B "C2'" 1 
ATOM   248 C "C1'" . DC  B 1 1  ? 2.681   4.794   -21.721 1.00 43.64 ?  1   DC  B "C1'" 1 
ATOM   249 N N1    . DC  B 1 1  ? 2.470   6.295   -21.529 1.00 42.61 ?  1   DC  B N1    1 
ATOM   250 C C2    . DC  B 1 1  ? 1.329   6.913   -22.074 1.00 44.82 ?  1   DC  B C2    1 
ATOM   251 O O2    . DC  B 1 1  ? 0.507   6.217   -22.692 1.00 47.14 ?  1   DC  B O2    1 
ATOM   252 N N3    . DC  B 1 1  ? 1.141   8.255   -21.882 1.00 41.95 ?  1   DC  B N3    1 
ATOM   253 C C4    . DC  B 1 1  ? 2.040   8.954   -21.181 1.00 39.59 ?  1   DC  B C4    1 
ATOM   254 N N4    . DC  B 1 1  ? 1.825   10.264  -21.014 1.00 39.01 ?  1   DC  B N4    1 
ATOM   255 C C5    . DC  B 1 1  ? 3.197   8.343   -20.617 1.00 40.50 ?  1   DC  B C5    1 
ATOM   256 C C6    . DC  B 1 1  ? 3.376   7.028   -20.816 1.00 41.36 ?  1   DC  B C6    1 
ATOM   257 P P     . DG  B 1 2  ? 4.190   0.647   -22.428 1.00 48.61 ?  2   DG  B P     1 
ATOM   258 O OP1   . DG  B 1 2  ? 5.601   0.872   -22.829 1.00 42.08 -1 2   DG  B OP1   1 
ATOM   259 O OP2   . DG  B 1 2  ? 3.368   -0.394  -23.098 1.00 38.41 ?  2   DG  B OP2   1 
ATOM   260 O "O5'" . DG  B 1 2  ? 4.214   0.480   -20.802 1.00 45.48 ?  2   DG  B "O5'" 1 
ATOM   261 C "C5'" . DG  B 1 2  ? 3.522   -0.608  -20.122 1.00 39.47 ?  2   DG  B "C5'" 1 
ATOM   262 C "C4'" . DG  B 1 2  ? 3.970   -0.703  -18.650 1.00 41.56 ?  2   DG  B "C4'" 1 
ATOM   263 O "O4'" . DG  B 1 2  ? 4.735   0.462   -18.321 1.00 40.65 ?  2   DG  B "O4'" 1 
ATOM   264 C "C3'" . DG  B 1 2  ? 2.852   -0.744  -17.626 1.00 40.92 ?  2   DG  B "C3'" 1 
ATOM   265 O "O3'" . DG  B 1 2  ? 2.588   -2.090  -17.244 1.00 42.41 ?  2   DG  B "O3'" 1 
ATOM   266 C "C2'" . DG  B 1 2  ? 3.396   0.054   -16.436 1.00 41.47 ?  2   DG  B "C2'" 1 
ATOM   267 C "C1'" . DG  B 1 2  ? 4.633   0.764   -16.961 1.00 36.74 ?  2   DG  B "C1'" 1 
ATOM   268 N N9    . DG  B 1 2  ? 4.580   2.231   -16.830 1.00 36.71 ?  2   DG  B N9    1 
ATOM   269 C C8    . DG  B 1 2  ? 5.539   3.075   -16.303 1.00 32.96 ?  2   DG  B C8    1 
ATOM   270 N N7    . DG  B 1 2  ? 5.201   4.345   -16.341 1.00 32.08 ?  2   DG  B N7    1 
ATOM   271 C C5    . DG  B 1 2  ? 3.938   4.334   -16.930 1.00 38.58 ?  2   DG  B C5    1 
ATOM   272 C C6    . DG  B 1 2  ? 3.060   5.405   -17.267 1.00 40.46 ?  2   DG  B C6    1 
ATOM   273 O O6    . DG  B 1 2  ? 3.204   6.630   -17.071 1.00 42.55 ?  2   DG  B O6    1 
ATOM   274 N N1    . DG  B 1 2  ? 1.899   4.935   -17.870 1.00 38.67 ?  2   DG  B N1    1 
ATOM   275 C C2    . DG  B 1 2  ? 1.612   3.614   -18.119 1.00 38.27 ?  2   DG  B C2    1 
ATOM   276 N N2    . DG  B 1 2  ? 0.438   3.350   -18.695 1.00 40.66 ?  2   DG  B N2    1 
ATOM   277 N N3    . DG  B 1 2  ? 2.413   2.622   -17.832 1.00 41.97 ?  2   DG  B N3    1 
ATOM   278 C C4    . DG  B 1 2  ? 3.557   3.044   -17.244 1.00 40.18 ?  2   DG  B C4    1 
ATOM   279 P P     . DC  B 1 3  ? 1.140   -2.719  -17.499 1.00 45.69 ?  3   DC  B P     1 
ATOM   280 O OP1   . DC  B 1 3  ? 1.351   -4.094  -17.977 1.00 40.04 ?  3   DC  B OP1   1 
ATOM   281 O OP2   . DC  B 1 3  ? 0.389   -1.663  -18.211 1.00 48.59 -1 3   DC  B OP2   1 
ATOM   282 O "O5'" . DC  B 1 3  ? 0.431   -2.825  -16.054 1.00 55.33 ?  3   DC  B "O5'" 1 
ATOM   283 C "C5'" . DC  B 1 3  ? 0.284   -1.656  -15.204 1.00 48.24 ?  3   DC  B "C5'" 1 
ATOM   284 C "C4'" . DC  B 1 3  ? -1.165  -1.166  -15.127 1.00 46.61 ?  3   DC  B "C4'" 1 
ATOM   285 O "O4'" . DC  B 1 3  ? -1.177  0.093   -14.397 1.00 40.27 ?  3   DC  B "O4'" 1 
ATOM   286 C "C3'" . DC  B 1 3  ? -1.844  -0.830  -16.463 1.00 46.55 ?  3   DC  B "C3'" 1 
ATOM   287 O "O3'" . DC  B 1 3  ? -3.262  -0.738  -16.256 1.00 51.36 ?  3   DC  B "O3'" 1 
ATOM   288 C "C2'" . DC  B 1 3  ? -1.285  0.560   -16.712 1.00 44.67 ?  3   DC  B "C2'" 1 
ATOM   289 C "C1'" . DC  B 1 3  ? -1.368  1.165   -15.298 1.00 41.21 ?  3   DC  B "C1'" 1 
ATOM   290 N N1    . DC  B 1 3  ? -0.326  2.183   -15.022 1.00 40.34 ?  3   DC  B N1    1 
ATOM   291 C C2    . DC  B 1 3  ? -0.628  3.531   -15.162 1.00 40.73 ?  3   DC  B C2    1 
ATOM   292 O O2    . DC  B 1 3  ? -1.764  3.848   -15.508 1.00 43.89 ?  3   DC  B O2    1 
ATOM   293 N N3    . DC  B 1 3  ? 0.329   4.455   -14.895 1.00 39.69 ?  3   DC  B N3    1 
ATOM   294 C C4    . DC  B 1 3  ? 1.550   4.061   -14.527 1.00 36.70 ?  3   DC  B C4    1 
ATOM   295 N N4    . DC  B 1 3  ? 2.471   5.001   -14.271 1.00 37.88 ?  3   DC  B N4    1 
ATOM   296 C C5    . DC  B 1 3  ? 1.874   2.687   -14.386 1.00 39.29 ?  3   DC  B C5    1 
ATOM   297 C C6    . DC  B 1 3  ? 0.913   1.790   -14.636 1.00 41.11 ?  3   DC  B C6    1 
ATOM   298 P P     . DG  B 1 4  ? -4.340  -1.558  -17.123 1.00 49.47 ?  4   DG  B P     1 
ATOM   299 O OP1   . DG  B 1 4  ? -3.843  -1.670  -18.521 1.00 47.09 ?  4   DG  B OP1   1 
ATOM   300 O OP2   . DG  B 1 4  ? -5.631  -0.898  -16.833 1.00 49.77 -1 4   DG  B OP2   1 
ATOM   301 O "O5'" . DG  B 1 4  ? -4.451  -2.970  -16.365 1.00 47.30 ?  4   DG  B "O5'" 1 
ATOM   302 C "C5'" . DG  B 1 4  ? -4.773  -3.015  -14.933 1.00 46.21 ?  4   DG  B "C5'" 1 
ATOM   303 C "C4'" . DG  B 1 4  ? -4.213  -4.291  -14.308 1.00 48.16 ?  4   DG  B "C4'" 1 
ATOM   304 O "O4'" . DG  B 1 4  ? -2.814  -4.108  -13.940 1.00 47.28 ?  4   DG  B "O4'" 1 
ATOM   305 C "C3'" . DG  B 1 4  ? -4.897  -4.798  -13.051 1.00 52.82 ?  4   DG  B "C3'" 1 
ATOM   306 O "O3'" . DG  B 1 4  ? -4.807  -6.246  -13.013 1.00 50.29 ?  4   DG  B "O3'" 1 
ATOM   307 C "C2'" . DG  B 1 4  ? -4.064  -4.130  -11.941 1.00 51.62 ?  4   DG  B "C2'" 1 
ATOM   308 C "C1'" . DG  B 1 4  ? -2.662  -4.237  -12.526 1.00 47.12 ?  4   DG  B "C1'" 1 
ATOM   309 N N9    . DG  B 1 4  ? -1.667  -3.244  -12.047 1.00 44.25 ?  4   DG  B N9    1 
ATOM   310 C C8    . DG  B 1 4  ? -0.369  -3.512  -11.673 1.00 41.29 ?  4   DG  B C8    1 
ATOM   311 N N7    . DG  B 1 4  ? 0.314   -2.459  -11.328 1.00 40.06 ?  4   DG  B N7    1 
ATOM   312 C C5    . DG  B 1 4  ? -0.569  -1.403  -11.490 1.00 41.29 ?  4   DG  B C5    1 
ATOM   313 C C6    . DG  B 1 4  ? -0.380  -0.005  -11.262 1.00 41.91 ?  4   DG  B C6    1 
ATOM   314 O O6    . DG  B 1 4  ? 0.646   0.589   -10.861 1.00 40.95 ?  4   DG  B O6    1 
ATOM   315 N N1    . DG  B 1 4  ? -1.539  0.723   -11.539 1.00 40.97 ?  4   DG  B N1    1 
ATOM   316 C C2    . DG  B 1 4  ? -2.734  0.184   -11.981 1.00 42.90 ?  4   DG  B C2    1 
ATOM   317 N N2    . DG  B 1 4  ? -3.736  1.062   -12.214 1.00 40.20 ?  4   DG  B N2    1 
ATOM   318 N N3    . DG  B 1 4  ? -2.926  -1.126  -12.198 1.00 44.33 ?  4   DG  B N3    1 
ATOM   319 C C4    . DG  B 1 4  ? -1.802  -1.859  -11.934 1.00 44.47 ?  4   DG  B C4    1 
ATOM   320 P P     . DA  B 1 5  ? -5.686  -7.103  -11.965 1.00 61.65 ?  5   DA  B P     1 
ATOM   321 O OP1   . DA  B 1 5  ? -5.729  -8.527  -12.385 1.00 58.80 -1 5   DA  B OP1   1 
ATOM   322 O OP2   . DA  B 1 5  ? -6.951  -6.377  -11.732 1.00 56.34 ?  5   DA  B OP2   1 
ATOM   323 O "O5'" . DA  B 1 5  ? -4.802  -7.093  -10.635 1.00 53.24 ?  5   DA  B "O5'" 1 
ATOM   324 C "C5'" . DA  B 1 5  ? -3.501  -7.645  -10.664 1.00 51.28 ?  5   DA  B "C5'" 1 
ATOM   325 C "C4'" . DA  B 1 5  ? -2.691  -7.172  -9.473  1.00 46.79 ?  5   DA  B "C4'" 1 
ATOM   326 O "O4'" . DA  B 1 5  ? -2.304  -5.812  -9.664  1.00 41.51 ?  5   DA  B "O4'" 1 
ATOM   327 C "C3'" . DA  B 1 5  ? -3.443  -7.185  -8.163  1.00 46.05 ?  5   DA  B "C3'" 1 
ATOM   328 O "O3'" . DA  B 1 5  ? -3.279  -8.462  -7.588  1.00 46.94 ?  5   DA  B "O3'" 1 
ATOM   329 C "C2'" . DA  B 1 5  ? -2.749  -6.075  -7.342  1.00 47.02 ?  5   DA  B "C2'" 1 
ATOM   330 C "C1'" . DA  B 1 5  ? -2.018  -5.238  -8.405  1.00 45.27 ?  5   DA  B "C1'" 1 
ATOM   331 N N9    . DA  B 1 5  ? -2.408  -3.823  -8.463  1.00 44.47 ?  5   DA  B N9    1 
ATOM   332 C C8    . DA  B 1 5  ? -3.611  -3.310  -8.850  1.00 42.53 ?  5   DA  B C8    1 
ATOM   333 N N7    . DA  B 1 5  ? -3.650  -1.993  -8.855  1.00 41.71 ?  5   DA  B N7    1 
ATOM   334 C C5    . DA  B 1 5  ? -2.383  -1.620  -8.463  1.00 39.46 ?  5   DA  B C5    1 
ATOM   335 C C6    . DA  B 1 5  ? -1.780  -0.364  -8.255  1.00 36.84 ?  5   DA  B C6    1 
ATOM   336 N N6    . DA  B 1 5  ? -2.394  0.800   -8.424  1.00 37.52 ?  5   DA  B N6    1 
ATOM   337 N N1    . DA  B 1 5  ? -0.511  -0.351  -7.856  1.00 40.43 ?  5   DA  B N1    1 
ATOM   338 C C2    . DA  B 1 5  ? 0.124   -1.522  -7.664  1.00 42.39 ?  5   DA  B C2    1 
ATOM   339 N N3    . DA  B 1 5  ? -0.333  -2.762  -7.824  1.00 41.55 ?  5   DA  B N3    1 
ATOM   340 C C4    . DA  B 1 5  ? -1.601  -2.739  -8.228  1.00 42.27 ?  5   DA  B C4    1 
ATOM   341 P P     . DC  B 1 6  ? -4.043  -8.900  -6.243  1.00 51.99 ?  6   DC  B P     1 
ATOM   342 O OP1   . DC  B 1 6  ? -3.867  -10.377 -6.220  1.00 42.48 -1 6   DC  B OP1   1 
ATOM   343 O OP2   . DC  B 1 6  ? -5.375  -8.258  -6.119  1.00 44.74 ?  6   DC  B OP2   1 
ATOM   344 O "O5'" . DC  B 1 6  ? -3.139  -8.263  -5.072  1.00 47.87 ?  6   DC  B "O5'" 1 
ATOM   345 C "C5'" . DC  B 1 6  ? -1.740  -8.558  -4.998  1.00 43.14 ?  6   DC  B "C5'" 1 
ATOM   346 C "C4'" . DC  B 1 6  ? -1.017  -7.555  -4.120  1.00 41.17 ?  6   DC  B "C4'" 1 
ATOM   347 O "O4'" . DC  B 1 6  ? -1.040  -6.260  -4.737  1.00 39.57 ?  6   DC  B "O4'" 1 
ATOM   348 C "C3'" . DC  B 1 6  ? -1.656  -7.322  -2.753  1.00 41.09 ?  6   DC  B "C3'" 1 
ATOM   349 O "O3'" . DC  B 1 6  ? -1.075  -8.162  -1.796  1.00 46.82 ?  6   DC  B "O3'" 1 
ATOM   350 C "C2'" . DC  B 1 6  ? -1.351  -5.854  -2.443  1.00 40.45 ?  6   DC  B "C2'" 1 
ATOM   351 C "C1'" . DC  B 1 6  ? -0.691  -5.341  -3.735  1.00 38.02 ?  6   DC  B "C1'" 1 
ATOM   352 N N1    . DC  B 1 6  ? -1.127  -3.986  -4.110  1.00 31.76 ?  6   DC  B N1    1 
ATOM   353 C C2    . DC  B 1 6  ? -0.206  -2.945  -4.071  1.00 33.00 ?  6   DC  B C2    1 
ATOM   354 O O2    . DC  B 1 6  ? 0.961   -3.191  -3.773  1.00 31.50 ?  6   DC  B O2    1 
ATOM   355 N N3    . DC  B 1 6  ? -0.613  -1.692  -4.395  1.00 37.80 ?  6   DC  B N3    1 
ATOM   356 C C4    . DC  B 1 6  ? -1.879  -1.470  -4.750  1.00 35.19 ?  6   DC  B C4    1 
ATOM   357 N N4    . DC  B 1 6  ? -2.225  -0.218  -5.059  1.00 32.52 ?  6   DC  B N4    1 
ATOM   358 C C5    . DC  B 1 6  ? -2.840  -2.523  -4.784  1.00 35.33 ?  6   DC  B C5    1 
ATOM   359 C C6    . DC  B 1 6  ? -2.427  -3.752  -4.450  1.00 35.20 ?  6   DC  B C6    1 
ATOM   360 P P     . DC  B 1 7  ? -2.004  -8.877  -0.692  1.00 55.26 ?  7   DC  B P     1 
ATOM   361 O OP1   . DC  B 1 7  ? -1.818  -10.319 -0.977  1.00 56.60 -1 7   DC  B OP1   1 
ATOM   362 O OP2   . DC  B 1 7  ? -3.344  -8.243  -0.669  1.00 51.22 ?  7   DC  B OP2   1 
ATOM   363 O "O5'" . DC  B 1 7  ? -1.347  -8.490  0.707   1.00 48.11 ?  7   DC  B "O5'" 1 
ATOM   364 C "C5'" . DC  B 1 7  ? 0.054   -8.308  0.793   1.00 51.03 ?  7   DC  B "C5'" 1 
ATOM   365 C "C4'" . DC  B 1 7  ? 0.381   -7.239  1.805   1.00 48.04 ?  7   DC  B "C4'" 1 
ATOM   366 O "O4'" . DC  B 1 7  ? -0.123  -5.968  1.358   1.00 45.00 ?  7   DC  B "O4'" 1 
ATOM   367 C "C3'" . DC  B 1 7  ? -0.267  -7.465  3.140   1.00 41.32 ?  7   DC  B "C3'" 1 
ATOM   368 O "O3'" . DC  B 1 7  ? 0.618   -8.193  3.925   1.00 47.36 ?  7   DC  B "O3'" 1 
ATOM   369 C "C2'" . DC  B 1 7  ? -0.506  -6.046  3.685   1.00 38.49 ?  7   DC  B "C2'" 1 
ATOM   370 C "C1'" . DC  B 1 7  ? -0.271  -5.131  2.473   1.00 40.63 ?  7   DC  B "C1'" 1 
ATOM   371 N N1    . DC  B 1 7  ? -1.370  -4.181  2.184   1.00 32.20 ?  7   DC  B N1    1 
ATOM   372 C C2    . DC  B 1 7  ? -1.081  -2.828  2.080   1.00 32.45 ?  7   DC  B C2    1 
ATOM   373 O O2    . DC  B 1 7  ? 0.087   -2.444  2.251   1.00 32.01 ?  7   DC  B O2    1 
ATOM   374 N N3    . DC  B 1 7  ? -2.084  -1.961  1.783   1.00 35.20 ?  7   DC  B N3    1 
ATOM   375 C C4    . DC  B 1 7  ? -3.319  -2.405  1.604   1.00 33.42 ?  7   DC  B C4    1 
ATOM   376 N N4    . DC  B 1 7  ? -4.255  -1.504  1.317   1.00 33.05 ?  7   DC  B N4    1 
ATOM   377 C C5    . DC  B 1 7  ? -3.639  -3.787  1.695   1.00 30.01 ?  7   DC  B C5    1 
ATOM   378 C C6    . DC  B 1 7  ? -2.640  -4.635  1.985   1.00 34.84 ?  7   DC  B C6    1 
ATOM   379 P P     . DT  B 1 8  ? 0.121   -8.888  5.295   1.00 62.14 ?  8   DT  B P     1 
ATOM   380 O OP1   . DT  B 1 8  ? 0.161   -10.362 5.152   1.00 49.65 ?  8   DT  B OP1   1 
ATOM   381 O OP2   . DT  B 1 8  ? -1.131  -8.221  5.759   1.00 51.90 -1 8   DT  B OP2   1 
ATOM   382 O "O5'" . DT  B 1 8  ? 1.252   -8.443  6.301   1.00 51.86 ?  8   DT  B "O5'" 1 
ATOM   383 C "C5'" . DT  B 1 8  ? 1.668   -7.115  6.300   1.00 45.29 ?  8   DT  B "C5'" 1 
ATOM   384 C "C4'" . DT  B 1 8  ? 2.652   -6.899  7.411   1.00 49.67 ?  8   DT  B "C4'" 1 
ATOM   385 O "O4'" . DT  B 1 8  ? 2.718   -5.486  7.716   1.00 46.34 ?  8   DT  B "O4'" 1 
ATOM   386 C "C3'" . DT  B 1 8  ? 2.278   -7.593  8.728   1.00 47.24 ?  8   DT  B "C3'" 1 
ATOM   387 O "O3'" . DT  B 1 8  ? 3.478   -7.925  9.453   1.00 49.68 ?  8   DT  B "O3'" 1 
ATOM   388 C "C2'" . DT  B 1 8  ? 1.452   -6.508  9.425   1.00 42.57 ?  8   DT  B "C2'" 1 
ATOM   389 C "C1'" . DT  B 1 8  ? 2.249   -5.265  9.030   1.00 42.68 ?  8   DT  B "C1'" 1 
ATOM   390 N N1    . DT  B 1 8  ? 1.550   -3.945  9.043   1.00 38.84 ?  8   DT  B N1    1 
ATOM   391 C C2    . DT  B 1 8  ? 0.185   -3.819  8.845   1.00 39.38 ?  8   DT  B C2    1 
ATOM   392 O O2    . DT  B 1 8  ? -0.573  -4.734  8.682   1.00 45.51 ?  8   DT  B O2    1 
ATOM   393 N N3    . DT  B 1 8  ? -0.271  -2.543  8.860   1.00 38.19 ?  8   DT  B N3    1 
ATOM   394 C C4    . DT  B 1 8  ? 0.476   -1.394  9.017   1.00 41.28 ?  8   DT  B C4    1 
ATOM   395 O O4    . DT  B 1 8  ? -0.020  -0.277  9.005   1.00 43.86 ?  8   DT  B O4    1 
ATOM   396 C C5    . DT  B 1 8  ? 1.879   -1.594  9.202   1.00 43.30 ?  8   DT  B C5    1 
ATOM   397 C C7    . DT  B 1 8  ? 2.780   -0.414  9.398   1.00 49.67 ?  8   DT  B C7    1 
ATOM   398 C C6    . DT  B 1 8  ? 2.340   -2.838  9.199   1.00 41.30 ?  8   DT  B C6    1 
ATOM   399 P P     . DC  B 1 9  ? 3.609   -9.317  10.250  1.00 54.95 ?  9   DC  B P     1 
ATOM   400 O OP1   . DC  B 1 9  ? 4.954   -9.350  10.891  1.00 51.12 ?  9   DC  B OP1   1 
ATOM   401 O OP2   . DC  B 1 9  ? 3.181   -10.425 9.374   1.00 46.44 -1 9   DC  B OP2   1 
ATOM   402 O "O5'" . DC  B 1 9  ? 2.468   -9.216  11.362  1.00 46.52 ?  9   DC  B "O5'" 1 
ATOM   403 C "C5'" . DC  B 1 9  ? 2.305   -10.274 12.259  1.00 51.04 ?  9   DC  B "C5'" 1 
ATOM   404 C "C4'" . DC  B 1 9  ? 0.931   -10.225 12.887  1.00 51.71 ?  9   DC  B "C4'" 1 
ATOM   405 O "O4'" . DC  B 1 9  ? 0.686   -8.880  13.372  1.00 48.16 ?  9   DC  B "O4'" 1 
ATOM   406 C "C3'" . DC  B 1 9  ? -0.225  -10.543 11.941  1.00 47.81 ?  9   DC  B "C3'" 1 
ATOM   407 O "O3'" . DC  B 1 9  ? -1.282  -11.177 12.669  1.00 48.31 ?  9   DC  B "O3'" 1 
ATOM   408 C "C2'" . DC  B 1 9  ? -0.636  -9.156  11.493  1.00 46.16 ?  9   DC  B "C2'" 1 
ATOM   409 C "C1'" . DC  B 1 9  ? -0.505  -8.410  12.807  1.00 45.75 ?  9   DC  B "C1'" 1 
ATOM   410 N N1    . DC  B 1 9  ? -0.389  -6.964  12.663  1.00 42.82 ?  9   DC  B N1    1 
ATOM   411 C C2    . DC  B 1 9  ? -1.544  -6.223  12.526  1.00 42.54 ?  9   DC  B C2    1 
ATOM   412 O O2    . DC  B 1 9  ? -2.631  -6.822  12.519  1.00 43.78 ?  9   DC  B O2    1 
ATOM   413 N N3    . DC  B 1 9  ? -1.446  -4.866  12.392  1.00 41.28 ?  9   DC  B N3    1 
ATOM   414 C C4    . DC  B 1 9  ? -0.247  -4.284  12.406  1.00 39.76 ?  9   DC  B C4    1 
ATOM   415 N N4    . DC  B 1 9  ? -0.204  -2.959  12.291  1.00 39.87 ?  9   DC  B N4    1 
ATOM   416 C C5    . DC  B 1 9  ? 0.958   -5.037  12.546  1.00 40.58 ?  9   DC  B C5    1 
ATOM   417 C C6    . DC  B 1 9  ? 0.841   -6.363  12.684  1.00 42.13 ?  9   DC  B C6    1 
ATOM   418 P P     . DG  B 1 10 ? -1.360  -12.783 12.773  1.00 54.66 ?  10  DG  B P     1 
ATOM   419 O OP1   . DG  B 1 10 ? -0.780  -13.338 11.517  1.00 54.08 -1 10  DG  B OP1   1 
ATOM   420 O OP2   . DG  B 1 10 ? -2.736  -13.100 13.233  1.00 47.60 ?  10  DG  B OP2   1 
ATOM   421 O "O5'" . DG  B 1 10 ? -0.282  -13.162 13.914  1.00 55.54 ?  10  DG  B "O5'" 1 
ATOM   422 C "C5'" . DG  B 1 10 ? -0.627  -13.128 15.309  1.00 54.15 ?  10  DG  B "C5'" 1 
ATOM   423 C "C4'" . DG  B 1 10 ? 0.580   -13.481 16.173  1.00 54.31 ?  10  DG  B "C4'" 1 
ATOM   424 O "O4'" . DG  B 1 10 ? 1.754   -12.800 15.643  1.00 54.51 ?  10  DG  B "O4'" 1 
ATOM   425 C "C3'" . DG  B 1 10 ? 0.483   -13.053 17.632  1.00 55.29 ?  10  DG  B "C3'" 1 
ATOM   426 O "O3'" . DG  B 1 10 ? -0.113  -14.094 18.445  1.00 59.71 ?  10  DG  B "O3'" 1 
ATOM   427 C "C2'" . DG  B 1 10 ? 1.955   -12.804 18.015  1.00 56.38 ?  10  DG  B "C2'" 1 
ATOM   428 C "C1'" . DG  B 1 10 ? 2.602   -12.364 16.690  1.00 50.57 ?  10  DG  B "C1'" 1 
ATOM   429 N N9    . DG  B 1 10 ? 2.794   -10.910 16.539  1.00 48.06 ?  10  DG  B N9    1 
ATOM   430 C C8    . DG  B 1 10 ? 3.984   -10.237 16.337  1.00 50.15 ?  10  DG  B C8    1 
ATOM   431 N N7    . DG  B 1 10 ? 3.834   -8.938  16.215  1.00 48.35 ?  10  DG  B N7    1 
ATOM   432 C C5    . DG  B 1 10 ? 2.461   -8.748  16.327  1.00 40.50 ?  10  DG  B C5    1 
ATOM   433 C C6    . DG  B 1 10 ? 1.701   -7.571  16.262  1.00 38.57 ?  10  DG  B C6    1 
ATOM   434 O O6    . DG  B 1 10 ? 2.087   -6.430  16.095  1.00 42.69 ?  10  DG  B O6    1 
ATOM   435 N N1    . DG  B 1 10 ? 0.356   -7.813  16.422  1.00 41.98 ?  10  DG  B N1    1 
ATOM   436 C C2    . DG  B 1 10 ? -0.194  -9.054  16.612  1.00 44.70 ?  10  DG  B C2    1 
ATOM   437 N N2    . DG  B 1 10 ? -1.520  -9.107  16.744  1.00 45.31 ?  10  DG  B N2    1 
ATOM   438 N N3    . DG  B 1 10 ? 0.503   -10.164 16.664  1.00 45.22 ?  10  DG  B N3    1 
ATOM   439 C C4    . DG  B 1 10 ? 1.815   -9.945  16.518  1.00 43.09 ?  10  DG  B C4    1 
ATOM   440 P P     . DC  B 1 11 ? -1.717  -14.266 18.568  1.00 69.41 ?  11  DC  B P     1 
ATOM   441 O OP1   . DC  B 1 11 ? -2.015  -15.706 18.395  1.00 75.79 -1 11  DC  B OP1   1 
ATOM   442 O OP2   . DC  B 1 11 ? -2.391  -13.274 17.705  1.00 60.75 ?  11  DC  B OP2   1 
ATOM   443 O "O5'" . DC  B 1 11 ? -2.065  -14.051 20.130  1.00 67.89 ?  11  DC  B "O5'" 1 
ATOM   444 C "C5'" . DC  B 1 11 ? -1.553  -12.933 20.867  1.00 61.11 ?  11  DC  B "C5'" 1 
ATOM   445 C "C4'" . DC  B 1 11 ? -2.676  -12.001 21.295  1.00 60.40 ?  11  DC  B "C4'" 1 
ATOM   446 O "O4'" . DC  B 1 11 ? -2.090  -10.767 21.740  1.00 57.81 ?  11  DC  B "O4'" 1 
ATOM   447 C "C3'" . DC  B 1 11 ? -3.651  -11.597 20.186  1.00 60.96 ?  11  DC  B "C3'" 1 
ATOM   448 O "O3'" . DC  B 1 11 ? -4.932  -11.265 20.725  1.00 62.82 ?  11  DC  B "O3'" 1 
ATOM   449 C "C2'" . DC  B 1 11 ? -2.971  -10.380 19.571  1.00 55.80 ?  11  DC  B "C2'" 1 
ATOM   450 C "C1'" . DC  B 1 11 ? -2.291  -9.746  20.779  1.00 49.87 ?  11  DC  B "C1'" 1 
ATOM   451 N N1    . DC  B 1 11 ? -0.976  -9.164  20.457  1.00 46.73 ?  11  DC  B N1    1 
ATOM   452 C C2    . DC  B 1 11 ? -0.901  -7.826  20.073  1.00 43.88 ?  11  DC  B C2    1 
ATOM   453 O O2    . DC  B 1 11 ? -1.949  -7.157  20.026  1.00 43.74 ?  11  DC  B O2    1 
ATOM   454 N N3    . DC  B 1 11 ? 0.309   -7.293  19.775  1.00 40.26 ?  11  DC  B N3    1 
ATOM   455 C C4    . DC  B 1 11 ? 1.410   -8.047  19.840  1.00 42.06 ?  11  DC  B C4    1 
ATOM   456 N N4    . DC  B 1 11 ? 2.584   -7.464  19.538  1.00 40.20 ?  11  DC  B N4    1 
ATOM   457 C C5    . DC  B 1 11 ? 1.359   -9.427  20.232  1.00 46.71 ?  11  DC  B C5    1 
ATOM   458 C C6    . DC  B 1 11 ? 0.157   -9.936  20.534  1.00 50.01 ?  11  DC  B C6    1 
ATOM   459 P P     . DG  B 1 12 ? -6.163  -12.291 20.549  1.00 72.39 ?  12  DG  B P     1 
ATOM   460 O OP1   . DG  B 1 12 ? -5.562  -13.551 20.039  1.00 67.98 ?  12  DG  B OP1   1 
ATOM   461 O OP2   . DG  B 1 12 ? -7.247  -11.653 19.767  1.00 70.20 -1 12  DG  B OP2   1 
ATOM   462 O "O5'" . DG  B 1 12 ? -6.701  -12.495 22.042  1.00 61.74 ?  12  DG  B "O5'" 1 
ATOM   463 C "C5'" . DG  B 1 12 ? -5.901  -12.099 23.131  1.00 58.24 ?  12  DG  B "C5'" 1 
ATOM   464 C "C4'" . DG  B 1 12 ? -5.909  -13.153 24.224  1.00 62.04 ?  12  DG  B "C4'" 1 
ATOM   465 O "O4'" . DG  B 1 12 ? -4.865  -14.115 23.953  1.00 65.97 ?  12  DG  B "O4'" 1 
ATOM   466 C "C3'" . DG  B 1 12 ? -5.654  -12.607 25.626  1.00 59.44 ?  12  DG  B "C3'" 1 
ATOM   467 O "O3'" . DG  B 1 12 ? -6.879  -12.493 26.310  1.00 62.74 ?  12  DG  B "O3'" 1 
ATOM   468 C "C2'" . DG  B 1 12 ? -4.729  -13.634 26.288  1.00 57.37 ?  12  DG  B "C2'" 1 
ATOM   469 C "C1'" . DG  B 1 12 ? -4.065  -14.338 25.101  1.00 62.74 ?  12  DG  B "C1'" 1 
ATOM   470 N N9    . DG  B 1 12 ? -2.665  -13.940 24.801  1.00 61.28 ?  12  DG  B N9    1 
ATOM   471 C C8    . DG  B 1 12 ? -1.603  -14.799 24.602  1.00 61.21 ?  12  DG  B C8    1 
ATOM   472 N N7    . DG  B 1 12 ? -0.473  -14.197 24.339  1.00 60.48 ?  12  DG  B N7    1 
ATOM   473 C C5    . DG  B 1 12 ? -0.793  -12.843 24.339  1.00 59.06 ?  12  DG  B C5    1 
ATOM   474 C C6    . DG  B 1 12 ? 0.035   -11.714 24.102  1.00 55.59 ?  12  DG  B C6    1 
ATOM   475 O O6    . DG  B 1 12 ? 1.251   -11.696 23.838  1.00 52.45 ?  12  DG  B O6    1 
ATOM   476 N N1    . DG  B 1 12 ? -0.681  -10.518 24.216  1.00 52.89 ?  12  DG  B N1    1 
ATOM   477 C C2    . DG  B 1 12 ? -2.027  -10.434 24.504  1.00 53.51 ?  12  DG  B C2    1 
ATOM   478 N N2    . DG  B 1 12 ? -2.548  -9.207  24.550  1.00 52.29 ?  12  DG  B N2    1 
ATOM   479 N N3    . DG  B 1 12 ? -2.816  -11.483 24.708  1.00 58.98 ?  12  DG  B N3    1 
ATOM   480 C C4    . DG  B 1 12 ? -2.139  -12.656 24.621  1.00 60.20 ?  12  DG  B C4    1 
HETATM 481 O O     . HOH C 2 .  ? -6.552  12.405  5.200   1.00 43.66 ?  101 HOH A O     1 
HETATM 482 O O     . HOH C 2 .  ? 3.105   -0.890  -13.015 1.00 45.35 ?  102 HOH A O     1 
HETATM 483 O O     . HOH C 2 .  ? -7.017  20.808  14.059  1.00 61.29 ?  103 HOH A O     1 
HETATM 484 O O     . HOH C 2 .  ? -4.902  19.201  8.003   1.00 51.00 ?  104 HOH A O     1 
HETATM 485 O O     . HOH C 2 .  ? -11.856 15.926  16.140  1.00 49.11 ?  105 HOH A O     1 
HETATM 486 O O     . HOH C 2 .  ? 4.628   8.035   -6.059  1.00 63.18 ?  106 HOH A O     1 
HETATM 487 O O     . HOH C 2 .  ? -2.048  12.591  4.348   1.00 59.25 ?  107 HOH A O     1 
HETATM 488 O O     . HOH D 2 .  ? -3.594  -1.488  -21.099 1.00 53.58 ?  101 HOH B O     1 
HETATM 489 O O     . HOH D 2 .  ? -2.247  -6.428  -15.188 1.00 52.35 ?  102 HOH B O     1 
HETATM 490 O O     . HOH D 2 .  ? -0.622  0.381   -19.869 1.00 38.88 ?  103 HOH B O     1 
HETATM 491 O O     . HOH D 2 .  ? -2.495  -13.234 -7.114  1.00 47.82 ?  104 HOH B O     1 
HETATM 492 O O     . HOH D 2 .  ? 3.285   12.498  -19.000 1.00 47.21 ?  105 HOH B O     1 
HETATM 493 O O     . HOH D 2 .  ? 5.075   -5.966  17.534  1.00 45.17 ?  106 HOH B O     1 
HETATM 494 O O     . HOH D 2 .  ? -5.598  2.411   -15.429 1.00 48.80 ?  107 HOH B O     1 
HETATM 495 O O     . HOH D 2 .  ? 0.195   -13.027 1.036   1.00 54.66 ?  108 HOH B O     1 
# 
